data_3EUM
# 
_entry.id   3EUM 
# 
_audit_conform.dict_name       mmcif_pdbx.dic 
_audit_conform.dict_version    5.378 
_audit_conform.dict_location   http://mmcif.pdb.org/dictionaries/ascii/mmcif_pdbx.dic 
# 
loop_
_database_2.database_id 
_database_2.database_code 
_database_2.pdbx_database_accession 
_database_2.pdbx_DOI 
PDB   3EUM         pdb_00003eum 10.2210/pdb3eum/pdb 
NDB   DD0101       ?            ?                   
RCSB  RCSB049786   ?            ?                   
WWPDB D_1000049786 ?            ?                   
# 
loop_
_pdbx_database_related.db_name 
_pdbx_database_related.db_id 
_pdbx_database_related.details 
_pdbx_database_related.content_type 
PDB 1L1H 'Same quadruplex structure bound with a different ligand BSU-6039' unspecified 
PDB 1JPQ 'Same quadruplex structure in its native form (ligand-free)' unspecified 
PDB 1JRN 'Same quadruplex structure in its native form (ligand-free)' unspecified 
PDB 3CE5 
'A bimolecular parallel-stranded human telomeric quadruplex in complex with a 3,6,9-trisubstituted acridine molecular BRACO19' 
unspecified 
PDB 3EM2 
'A bimolecular anti-parallel-stranded Oxytricha nova telomeric quadruplex in complex with a 3,6-disubstituted acridine BSU-6038' 
unspecified 
PDB 3EQW 
;A bimolecular anti-parallel-stranded Oxytricha nova telomeric quadruplex in complex with a 3,6-disubstituted acridine BSU-6042 in small unit cell
;
unspecified 
PDB 3ERU 
'A bimolecular anti-parallel-stranded Oxytricha nova telomeric quadruplex in complex with a 3,6-disubstituted acridine BSU-6045' 
unspecified 
PDB 3ES0 
'A bimolecular anti-parallel-stranded Oxytricha nova telomeric quadruplex in complex with a 3,6-disubstituted acridine BSU-6048' 
unspecified 
PDB 3ET8 
'A bimolecular anti-parallel-stranded Oxytricha nova telomeric quadruplex in complex with a 3,6-disubstituted acridine BSU-6054' 
unspecified 
PDB 3EUI 
;A bimolecular anti-parallel-stranded Oxytricha nova telomeric quadruplex in complex with a 3,6-disubstituted acridine BSU-6042 in large unit cell
;
unspecified 
# 
_pdbx_database_status.status_code                     REL 
_pdbx_database_status.entry_id                        3EUM 
_pdbx_database_status.recvd_initial_deposition_date   2008-10-10 
_pdbx_database_status.deposit_site                    RCSB 
_pdbx_database_status.process_site                    RCSB 
_pdbx_database_status.status_code_sf                  REL 
_pdbx_database_status.status_code_mr                  ? 
_pdbx_database_status.SG_entry                        ? 
_pdbx_database_status.pdb_format_compatible           Y 
_pdbx_database_status.status_code_cs                  ? 
_pdbx_database_status.methods_development_category    ? 
_pdbx_database_status.status_code_nmr_data            ? 
# 
loop_
_audit_author.name 
_audit_author.pdbx_ordinal 
'Campbell, N.H.' 1 
'Parkinson, G.'  2 
'Neidle, S.'     3 
# 
_citation.id                        primary 
_citation.title                     'Selectivity in Ligand Recognition of G-Quadruplex Loops.' 
_citation.journal_abbrev            Biochemistry 
_citation.journal_volume            48 
_citation.page_first                1675 
_citation.page_last                 1680 
_citation.year                      2009 
_citation.journal_id_ASTM           BICHAW 
_citation.country                   US 
_citation.journal_id_ISSN           0006-2960 
_citation.journal_id_CSD            0033 
_citation.book_publisher            ? 
_citation.pdbx_database_id_PubMed   19173611 
_citation.pdbx_database_id_DOI      10.1021/bi802233v 
# 
loop_
_citation_author.citation_id 
_citation_author.name 
_citation_author.ordinal 
_citation_author.identifier_ORCID 
primary 'Campbell, N.H.'  1 ? 
primary 'Patel, M.'       2 ? 
primary 'Tofa, A.B.'      3 ? 
primary 'Ghosh, R.'       4 ? 
primary 'Parkinson, G.N.' 5 ? 
primary 'Neidle, S.'      6 ? 
# 
_cell.entry_id           3EUM 
_cell.length_a           55.620 
_cell.length_b           42.307 
_cell.length_c           27.079 
_cell.angle_alpha        90.00 
_cell.angle_beta         90.00 
_cell.angle_gamma        90.00 
_cell.Z_PDB              8 
_cell.pdbx_unique_axis   ? 
_cell.length_a_esd       ? 
_cell.length_b_esd       ? 
_cell.length_c_esd       ? 
_cell.angle_alpha_esd    ? 
_cell.angle_beta_esd     ? 
_cell.angle_gamma_esd    ? 
# 
_symmetry.entry_id                         3EUM 
_symmetry.space_group_name_H-M             'P 21 21 2' 
_symmetry.pdbx_full_space_group_name_H-M   ? 
_symmetry.cell_setting                     ? 
_symmetry.Int_Tables_number                18 
_symmetry.space_group_name_Hall            ? 
# 
loop_
_entity.id 
_entity.type 
_entity.src_method 
_entity.pdbx_description 
_entity.formula_weight 
_entity.pdbx_number_of_molecules 
_entity.pdbx_ec 
_entity.pdbx_mutation 
_entity.pdbx_fragment 
_entity.details 
1 polymer     syn "5'-D(*DGP*DGP*DGP*DGP*DTP*DTP*DTP*DTP*DGP*DGP*DGP*DG)-3'" 3805.460 2  ? ? ? 
'Bimolecular anti-parallel-stranded DNA quadruplex' 
2 non-polymer syn 'POTASSIUM ION'                                            39.098   4  ? ? ? ? 
3 non-polymer syn '3,6-Bis[3-(azepan-1-yl)propionamido]acridine'             515.690  1  ? ? ? ? 
4 water       nat water                                                      18.015   52 ? ? ? ? 
# 
_entity_poly.entity_id                      1 
_entity_poly.type                           polydeoxyribonucleotide 
_entity_poly.nstd_linkage                   no 
_entity_poly.nstd_monomer                   no 
_entity_poly.pdbx_seq_one_letter_code       '(DG)(DG)(DG)(DG)(DT)(DT)(DT)(DT)(DG)(DG)(DG)(DG)' 
_entity_poly.pdbx_seq_one_letter_code_can   GGGGTTTTGGGG 
_entity_poly.pdbx_strand_id                 A,B 
_entity_poly.pdbx_target_identifier         ? 
# 
loop_
_entity_poly_seq.entity_id 
_entity_poly_seq.num 
_entity_poly_seq.mon_id 
_entity_poly_seq.hetero 
1 1  DG n 
1 2  DG n 
1 3  DG n 
1 4  DG n 
1 5  DT n 
1 6  DT n 
1 7  DT n 
1 8  DT n 
1 9  DG n 
1 10 DG n 
1 11 DG n 
1 12 DG n 
# 
_pdbx_entity_src_syn.entity_id              1 
_pdbx_entity_src_syn.pdbx_src_id            1 
_pdbx_entity_src_syn.pdbx_alt_source_flag   sample 
_pdbx_entity_src_syn.pdbx_beg_seq_num       ? 
_pdbx_entity_src_syn.pdbx_end_seq_num       ? 
_pdbx_entity_src_syn.organism_scientific    ? 
_pdbx_entity_src_syn.organism_common_name   ? 
_pdbx_entity_src_syn.ncbi_taxonomy_id       ? 
_pdbx_entity_src_syn.details                'The sequence occurs naturally in Oxytricha nova' 
# 
_struct_ref.id                         1 
_struct_ref.db_name                    PDB 
_struct_ref.db_code                    3EUM 
_struct_ref.pdbx_db_accession          3EUM 
_struct_ref.entity_id                  1 
_struct_ref.pdbx_align_begin           1 
_struct_ref.pdbx_seq_one_letter_code   GGGGTTTTGGGG 
_struct_ref.pdbx_db_isoform            ? 
# 
loop_
_struct_ref_seq.align_id 
_struct_ref_seq.ref_id 
_struct_ref_seq.pdbx_PDB_id_code 
_struct_ref_seq.pdbx_strand_id 
_struct_ref_seq.seq_align_beg 
_struct_ref_seq.pdbx_seq_align_beg_ins_code 
_struct_ref_seq.seq_align_end 
_struct_ref_seq.pdbx_seq_align_end_ins_code 
_struct_ref_seq.pdbx_db_accession 
_struct_ref_seq.db_align_beg 
_struct_ref_seq.pdbx_db_align_beg_ins_code 
_struct_ref_seq.db_align_end 
_struct_ref_seq.pdbx_db_align_end_ins_code 
_struct_ref_seq.pdbx_auth_seq_align_beg 
_struct_ref_seq.pdbx_auth_seq_align_end 
1 1 3EUM A 1 ? 12 ? 3EUM 1  ? 12 ? 1  12 
2 1 3EUM B 1 ? 12 ? 3EUM 13 ? 24 ? 13 24 
# 
loop_
_chem_comp.id 
_chem_comp.type 
_chem_comp.mon_nstd_flag 
_chem_comp.name 
_chem_comp.pdbx_synonyms 
_chem_comp.formula 
_chem_comp.formula_weight 
DG  'DNA linking' y "2'-DEOXYGUANOSINE-5'-MONOPHOSPHATE"           ?                                                     
'C10 H14 N5 O7 P' 347.221 
DT  'DNA linking' y "THYMIDINE-5'-MONOPHOSPHATE"                   ?                                                     
'C10 H15 N2 O8 P' 322.208 
HOH non-polymer   . WATER                                          ?                                                     'H2 O' 
18.015  
K   non-polymer   . 'POTASSIUM ION'                                ?                                                     'K 1' 
39.098  
NCQ non-polymer   . '3,6-Bis[3-(azepan-1-yl)propionamido]acridine' "N,N'-acridine-3,6-diylbis(3-azepan-1-ylpropanamide)" 
'C31 H41 N5 O2'   515.690 
# 
_exptl.entry_id          3EUM 
_exptl.method            'X-RAY DIFFRACTION' 
_exptl.crystals_number   1 
# 
_exptl_crystal.id                    1 
_exptl_crystal.density_meas          ? 
_exptl_crystal.density_Matthews      2.09 
_exptl_crystal.density_percent_sol   41.23 
_exptl_crystal.description           ? 
_exptl_crystal.F_000                 ? 
_exptl_crystal.preparation           ? 
# 
_exptl_crystal_grow.crystal_id      1 
_exptl_crystal_grow.method          'VAPOR DIFFUSION, HANGING DROP' 
_exptl_crystal_grow.temp            285.15 
_exptl_crystal_grow.temp_details    ? 
_exptl_crystal_grow.pH              7.0 
_exptl_crystal_grow.pdbx_details    
;2 microliter drops containing 5% v/v MPD, 0.50 mM DNA, 0.25 mM Ligand, 40 mM Potassium chloride, 5 mM Magnesium chloride, 4.1 Spermine equilibrated against 35% v/v MPD, pH 7.0, VAPOR DIFFUSION, HANGING DROP, temperature 285.15K
;
_exptl_crystal_grow.pdbx_pH_range   ? 
# 
loop_
_exptl_crystal_grow_comp.crystal_id 
_exptl_crystal_grow_comp.id 
_exptl_crystal_grow_comp.sol_id 
_exptl_crystal_grow_comp.name 
_exptl_crystal_grow_comp.volume 
_exptl_crystal_grow_comp.conc 
_exptl_crystal_grow_comp.details 
1 1 1 MPD                  ? ? ? 
1 2 1 'Potassium chloride' ? ? ? 
1 3 1 'Magnesium chloride' ? ? ? 
1 4 1 Spermine             ? ? ? 
1 5 2 MPD                  ? ? ? 
# 
_diffrn.id                     1 
_diffrn.ambient_temp           105 
_diffrn.ambient_temp_details   ? 
_diffrn.crystal_id             1 
# 
_diffrn_detector.diffrn_id              1 
_diffrn_detector.detector               CCD 
_diffrn_detector.type                   'OXFORD ONYX CCD' 
_diffrn_detector.pdbx_collection_date   2007-08-09 
_diffrn_detector.details                'Oxford diffraction Nova' 
# 
_diffrn_radiation.diffrn_id                        1 
_diffrn_radiation.wavelength_id                    1 
_diffrn_radiation.pdbx_monochromatic_or_laue_m_l   M 
_diffrn_radiation.monochromator                    ? 
_diffrn_radiation.pdbx_diffrn_protocol             'SINGLE WAVELENGTH' 
_diffrn_radiation.pdbx_scattering_type             x-ray 
# 
_diffrn_radiation_wavelength.id           1 
_diffrn_radiation_wavelength.wavelength   1.540562 
_diffrn_radiation_wavelength.wt           1.0 
# 
_diffrn_source.diffrn_id                   1 
_diffrn_source.source                      'SEALED TUBE' 
_diffrn_source.type                        'OXFORD DIFFRACTION ENHANCE ULTRA' 
_diffrn_source.pdbx_synchrotron_site       ? 
_diffrn_source.pdbx_synchrotron_beamline   ? 
_diffrn_source.pdbx_wavelength             ? 
_diffrn_source.pdbx_wavelength_list        1.540562 
# 
_reflns.entry_id                     3EUM 
_reflns.observed_criterion_sigma_I   ? 
_reflns.observed_criterion_sigma_F   ? 
_reflns.d_resolution_low             24.35 
_reflns.d_resolution_high            1.78 
_reflns.number_obs                   5372 
_reflns.number_all                   6576 
_reflns.percent_possible_obs         81.7 
_reflns.pdbx_Rmerge_I_obs            0.079 
_reflns.pdbx_Rsym_value              ? 
_reflns.pdbx_netI_over_sigmaI        15.57 
_reflns.B_iso_Wilson_estimate        14.2 
_reflns.pdbx_redundancy              2.3 
_reflns.R_free_details               ? 
_reflns.pdbx_chi_squared             ? 
_reflns.pdbx_scaling_rejects         ? 
_reflns.pdbx_diffrn_id               1 
_reflns.pdbx_ordinal                 1 
# 
_reflns_shell.d_res_high             1.78 
_reflns_shell.d_res_low              1.93 
_reflns_shell.percent_possible_all   39.1 
_reflns_shell.Rmerge_I_obs           0.280 
_reflns_shell.pdbx_Rsym_value        ? 
_reflns_shell.meanI_over_sigI_obs    ? 
_reflns_shell.pdbx_redundancy        1.3 
_reflns_shell.percent_possible_obs   ? 
_reflns_shell.number_unique_all      539 
_reflns_shell.number_measured_all    ? 
_reflns_shell.number_measured_obs    ? 
_reflns_shell.number_unique_obs      ? 
_reflns_shell.pdbx_chi_squared       ? 
_reflns_shell.pdbx_diffrn_id         ? 
_reflns_shell.pdbx_ordinal           1 
# 
_refine.entry_id                                 3EUM 
_refine.ls_number_reflns_obs                     5106 
_refine.ls_number_reflns_all                     5372 
_refine.pdbx_ls_sigma_I                          ? 
_refine.pdbx_ls_sigma_F                          ? 
_refine.pdbx_data_cutoff_high_absF               ? 
_refine.pdbx_data_cutoff_low_absF                ? 
_refine.pdbx_data_cutoff_high_rms_absF           ? 
_refine.ls_d_res_low                             24.35 
_refine.ls_d_res_high                            1.78 
_refine.ls_percent_reflns_obs                    81.91 
_refine.ls_R_factor_obs                          0.22410 
_refine.ls_R_factor_all                          ? 
_refine.ls_R_factor_R_work                       0.22174 
_refine.ls_R_factor_R_free                       0.27042 
_refine.ls_R_factor_R_free_error                 ? 
_refine.ls_R_factor_R_free_error_details         ? 
_refine.ls_percent_reflns_R_free                 4.5 
_refine.ls_number_reflns_R_free                  238 
_refine.ls_number_parameters                     ? 
_refine.ls_number_restraints                     ? 
_refine.occupancy_min                            ? 
_refine.occupancy_max                            ? 
_refine.correlation_coeff_Fo_to_Fc               0.936 
_refine.correlation_coeff_Fo_to_Fc_free          0.901 
_refine.B_iso_mean                               16.544 
_refine.aniso_B[1][1]                            -0.87 
_refine.aniso_B[2][2]                            -0.93 
_refine.aniso_B[3][3]                            1.80 
_refine.aniso_B[1][2]                            0.00 
_refine.aniso_B[1][3]                            0.00 
_refine.aniso_B[2][3]                            0.00 
_refine.solvent_model_details                    'BABINET MODEL WITH MASK' 
_refine.solvent_model_param_ksol                 ? 
_refine.solvent_model_param_bsol                 ? 
_refine.pdbx_solvent_vdw_probe_radii             1.20 
_refine.pdbx_solvent_ion_probe_radii             0.80 
_refine.pdbx_solvent_shrinkage_radii             0.80 
_refine.pdbx_ls_cross_valid_method               THROUGHOUT 
_refine.details                                  ? 
_refine.pdbx_starting_model                      'PDB ID 1L1H' 
_refine.pdbx_method_to_determine_struct          'MOLECULAR REPLACEMENT' 
_refine.pdbx_isotropic_thermal_model             ? 
_refine.pdbx_stereochemistry_target_values       'MAXIMUM LIKELIHOOD' 
_refine.pdbx_stereochem_target_val_spec_case     ? 
_refine.pdbx_R_Free_selection_details            RANDOM 
_refine.pdbx_overall_ESU_R                       0.202 
_refine.pdbx_overall_ESU_R_Free                  0.179 
_refine.overall_SU_ML                            0.107 
_refine.overall_SU_B                             3.508 
_refine.ls_redundancy_reflns_obs                 ? 
_refine.overall_SU_R_Cruickshank_DPI             ? 
_refine.overall_SU_R_free                        ? 
_refine.ls_wR_factor_R_free                      ? 
_refine.ls_wR_factor_R_work                      ? 
_refine.overall_FOM_free_R_set                   ? 
_refine.overall_FOM_work_R_set                   ? 
_refine.pdbx_overall_phase_error                 ? 
_refine.pdbx_refine_id                           'X-RAY DIFFRACTION' 
_refine.pdbx_diffrn_id                           1 
_refine.pdbx_TLS_residual_ADP_flag               ? 
_refine.pdbx_overall_SU_R_free_Cruickshank_DPI   ? 
_refine.pdbx_overall_SU_R_Blow_DPI               ? 
_refine.pdbx_overall_SU_R_free_Blow_DPI          ? 
# 
_refine_hist.pdbx_refine_id                   'X-RAY DIFFRACTION' 
_refine_hist.cycle_id                         LAST 
_refine_hist.pdbx_number_atoms_protein        0 
_refine_hist.pdbx_number_atoms_nucleic_acid   506 
_refine_hist.pdbx_number_atoms_ligand         42 
_refine_hist.number_atoms_solvent             52 
_refine_hist.number_atoms_total               600 
_refine_hist.d_res_high                       1.78 
_refine_hist.d_res_low                        24.35 
# 
loop_
_refine_ls_restr.type 
_refine_ls_restr.dev_ideal 
_refine_ls_restr.dev_ideal_target 
_refine_ls_restr.weight 
_refine_ls_restr.number 
_refine_ls_restr.pdbx_refine_id 
_refine_ls_restr.pdbx_restraint_function 
r_bond_refined_d             0.009 0.021 ? 610 'X-RAY DIFFRACTION' ? 
r_bond_other_d               ?     ?     ? ?   'X-RAY DIFFRACTION' ? 
r_angle_refined_deg          1.894 3.000 ? 936 'X-RAY DIFFRACTION' ? 
r_angle_other_deg            ?     ?     ? ?   'X-RAY DIFFRACTION' ? 
r_dihedral_angle_1_deg       ?     ?     ? ?   'X-RAY DIFFRACTION' ? 
r_dihedral_angle_2_deg       ?     ?     ? ?   'X-RAY DIFFRACTION' ? 
r_dihedral_angle_3_deg       ?     ?     ? ?   'X-RAY DIFFRACTION' ? 
r_dihedral_angle_4_deg       ?     ?     ? ?   'X-RAY DIFFRACTION' ? 
r_chiral_restr               0.066 0.200 ? 94  'X-RAY DIFFRACTION' ? 
r_gen_planes_refined         0.009 0.020 ? 298 'X-RAY DIFFRACTION' ? 
r_gen_planes_other           ?     ?     ? ?   'X-RAY DIFFRACTION' ? 
r_nbd_refined                0.340 0.200 ? 211 'X-RAY DIFFRACTION' ? 
r_nbd_other                  ?     ?     ? ?   'X-RAY DIFFRACTION' ? 
r_nbtor_refined              0.294 0.200 ? 346 'X-RAY DIFFRACTION' ? 
r_nbtor_other                ?     ?     ? ?   'X-RAY DIFFRACTION' ? 
r_xyhbond_nbd_refined        0.123 0.200 ? 31  'X-RAY DIFFRACTION' ? 
r_xyhbond_nbd_other          ?     ?     ? ?   'X-RAY DIFFRACTION' ? 
r_metal_ion_refined          0.082 0.200 ? 10  'X-RAY DIFFRACTION' ? 
r_metal_ion_other            ?     ?     ? ?   'X-RAY DIFFRACTION' ? 
r_symmetry_vdw_refined       0.153 0.200 ? 16  'X-RAY DIFFRACTION' ? 
r_symmetry_vdw_other         ?     ?     ? ?   'X-RAY DIFFRACTION' ? 
r_symmetry_hbond_refined     0.272 0.200 ? 9   'X-RAY DIFFRACTION' ? 
r_symmetry_hbond_other       ?     ?     ? ?   'X-RAY DIFFRACTION' ? 
r_symmetry_metal_ion_refined ?     ?     ? ?   'X-RAY DIFFRACTION' ? 
r_symmetry_metal_ion_other   ?     ?     ? ?   'X-RAY DIFFRACTION' ? 
r_mcbond_it                  ?     ?     ? ?   'X-RAY DIFFRACTION' ? 
r_mcbond_other               ?     ?     ? ?   'X-RAY DIFFRACTION' ? 
r_mcangle_it                 ?     ?     ? ?   'X-RAY DIFFRACTION' ? 
r_scbond_it                  1.438 3.000 ? 683 'X-RAY DIFFRACTION' ? 
r_scangle_it                 2.055 4.500 ? 936 'X-RAY DIFFRACTION' ? 
r_rigid_bond_restr           ?     ?     ? ?   'X-RAY DIFFRACTION' ? 
r_sphericity_free            ?     ?     ? ?   'X-RAY DIFFRACTION' ? 
r_sphericity_bonded          ?     ?     ? ?   'X-RAY DIFFRACTION' ? 
# 
_refine_ls_shell.pdbx_total_number_of_bins_used   20 
_refine_ls_shell.d_res_high                       1.78 
_refine_ls_shell.d_res_low                        1.83 
_refine_ls_shell.number_reflns_R_work             107 
_refine_ls_shell.R_factor_R_work                  0.313 
_refine_ls_shell.percent_reflns_obs               24.79 
_refine_ls_shell.R_factor_R_free                  0.258 
_refine_ls_shell.R_factor_R_free_error            ? 
_refine_ls_shell.percent_reflns_R_free            ? 
_refine_ls_shell.number_reflns_R_free             9 
_refine_ls_shell.number_reflns_all                ? 
_refine_ls_shell.R_factor_all                     ? 
_refine_ls_shell.number_reflns_obs                ? 
_refine_ls_shell.redundancy_reflns_obs            ? 
_refine_ls_shell.pdbx_refine_id                   'X-RAY DIFFRACTION' 
# 
_struct.entry_id                  3EUM 
_struct.title                     
'A bimolecular anti-parallel-stranded Oxytricha nova telomeric quadruplex in complex with a 3,6-disubstituted acridine BSU-6066' 
_struct.pdbx_model_details        ? 
_struct.pdbx_CASP_flag            ? 
_struct.pdbx_model_type_details   ? 
# 
_struct_keywords.entry_id        3EUM 
_struct_keywords.pdbx_keywords   DNA 
_struct_keywords.text            
'quadruplex, Oxtyricha nova, BSU-6066, BSU6066, anti-parallel, bimolecular, macromolecule, DNA, G-quadruplex' 
# 
loop_
_struct_asym.id 
_struct_asym.pdbx_blank_PDB_chainid_flag 
_struct_asym.pdbx_modified 
_struct_asym.entity_id 
_struct_asym.details 
A N N 1 ? 
B N N 1 ? 
C N N 2 ? 
D N N 2 ? 
E N N 2 ? 
F N N 3 ? 
G N N 2 ? 
H N N 4 ? 
I N N 4 ? 
# 
_struct_biol.id        1 
_struct_biol.details   ? 
# 
loop_
_struct_conn.id 
_struct_conn.conn_type_id 
_struct_conn.pdbx_leaving_atom_flag 
_struct_conn.pdbx_PDB_id 
_struct_conn.ptnr1_label_asym_id 
_struct_conn.ptnr1_label_comp_id 
_struct_conn.ptnr1_label_seq_id 
_struct_conn.ptnr1_label_atom_id 
_struct_conn.pdbx_ptnr1_label_alt_id 
_struct_conn.pdbx_ptnr1_PDB_ins_code 
_struct_conn.pdbx_ptnr1_standard_comp_id 
_struct_conn.ptnr1_symmetry 
_struct_conn.ptnr2_label_asym_id 
_struct_conn.ptnr2_label_comp_id 
_struct_conn.ptnr2_label_seq_id 
_struct_conn.ptnr2_label_atom_id 
_struct_conn.pdbx_ptnr2_label_alt_id 
_struct_conn.pdbx_ptnr2_PDB_ins_code 
_struct_conn.ptnr1_auth_asym_id 
_struct_conn.ptnr1_auth_comp_id 
_struct_conn.ptnr1_auth_seq_id 
_struct_conn.ptnr2_auth_asym_id 
_struct_conn.ptnr2_auth_comp_id 
_struct_conn.ptnr2_auth_seq_id 
_struct_conn.ptnr2_symmetry 
_struct_conn.pdbx_ptnr3_label_atom_id 
_struct_conn.pdbx_ptnr3_label_seq_id 
_struct_conn.pdbx_ptnr3_label_comp_id 
_struct_conn.pdbx_ptnr3_label_asym_id 
_struct_conn.pdbx_ptnr3_label_alt_id 
_struct_conn.pdbx_ptnr3_PDB_ins_code 
_struct_conn.details 
_struct_conn.pdbx_dist_value 
_struct_conn.pdbx_value_order 
_struct_conn.pdbx_role 
metalc1  metalc ? ? A DG 1  O6 ? ? ? 1_555 C K  .  K  ? ? A DG 1  A K  26 1_555 ? ? ? ? ? ? ?               2.723 ? ? 
metalc2  metalc ? ? A DG 2  O6 ? ? ? 1_555 C K  .  K  ? ? A DG 2  A K  26 1_555 ? ? ? ? ? ? ?               2.864 ? ? 
metalc3  metalc ? ? A DG 2  O6 ? ? ? 1_555 D K  .  K  ? ? A DG 2  A K  27 1_555 ? ? ? ? ? ? ?               2.866 ? ? 
metalc4  metalc ? ? A DG 3  O6 ? ? ? 1_555 D K  .  K  ? ? A DG 3  A K  27 1_555 ? ? ? ? ? ? ?               2.822 ? ? 
metalc5  metalc ? ? A DG 4  O6 ? ? ? 1_555 E K  .  K  ? ? A DG 4  A K  28 1_555 ? ? ? ? ? ? ?               2.793 ? ? 
metalc6  metalc ? ? A DG 9  O6 ? ? ? 1_555 E K  .  K  ? ? A DG 9  A K  28 1_555 ? ? ? ? ? ? ?               2.690 ? ? 
metalc7  metalc ? ? A DG 10 O6 ? ? ? 1_555 D K  .  K  ? ? A DG 10 A K  27 1_555 ? ? ? ? ? ? ?               2.650 ? ? 
metalc8  metalc ? ? A DG 10 O6 ? ? ? 1_555 E K  .  K  ? ? A DG 10 A K  28 1_555 ? ? ? ? ? ? ?               2.974 ? ? 
metalc9  metalc ? ? A DG 11 O6 ? ? ? 1_555 C K  .  K  ? ? A DG 11 A K  26 1_555 ? ? ? ? ? ? ?               2.788 ? ? 
metalc10 metalc ? ? A DG 11 O6 ? ? ? 1_555 D K  .  K  ? ? A DG 11 A K  27 1_555 ? ? ? ? ? ? ?               2.919 ? ? 
metalc11 metalc ? ? A DG 12 O6 ? ? ? 1_555 C K  .  K  ? ? A DG 12 A K  26 1_555 ? ? ? ? ? ? ?               2.899 ? ? 
metalc12 metalc ? ? A DG 12 O6 ? ? ? 1_555 G K  .  K  ? ? A DG 12 B K  25 1_555 ? ? ? ? ? ? ?               2.915 ? ? 
metalc13 metalc ? ? C K  .  K  ? ? ? 1_555 B DG 3  O6 ? ? A K  26 B DG 15 1_555 ? ? ? ? ? ? ?               2.867 ? ? 
metalc14 metalc ? ? C K  .  K  ? ? ? 1_555 B DG 4  O6 ? ? A K  26 B DG 16 1_555 ? ? ? ? ? ? ?               2.766 ? ? 
metalc15 metalc ? ? C K  .  K  ? ? ? 1_555 B DG 9  O6 ? ? A K  26 B DG 21 1_555 ? ? ? ? ? ? ?               2.962 ? ? 
metalc16 metalc ? ? C K  .  K  ? ? ? 1_555 B DG 10 O6 ? ? A K  26 B DG 22 1_555 ? ? ? ? ? ? ?               2.905 ? ? 
metalc17 metalc ? ? D K  .  K  ? ? ? 1_555 B DG 2  O6 ? ? A K  27 B DG 14 1_555 ? ? ? ? ? ? ?               2.704 ? ? 
metalc18 metalc ? ? D K  .  K  ? ? ? 1_555 B DG 3  O6 ? ? A K  27 B DG 15 1_555 ? ? ? ? ? ? ?               2.855 ? ? 
metalc19 metalc ? ? D K  .  K  ? ? ? 1_555 B DG 10 O6 ? ? A K  27 B DG 22 1_555 ? ? ? ? ? ? ?               2.802 ? ? 
metalc20 metalc ? ? D K  .  K  ? ? ? 1_555 B DG 11 O6 ? ? A K  27 B DG 23 1_555 ? ? ? ? ? ? ?               2.825 ? ? 
metalc21 metalc ? ? E K  .  K  ? ? ? 1_555 B DG 1  O6 ? ? A K  28 B DG 13 1_555 ? ? ? ? ? ? ?               2.743 ? ? 
metalc22 metalc ? ? E K  .  K  ? ? ? 1_555 B DG 2  O6 ? ? A K  28 B DG 14 1_555 ? ? ? ? ? ? ?               2.896 ? ? 
metalc23 metalc ? ? E K  .  K  ? ? ? 1_555 B DG 11 O6 ? ? A K  28 B DG 23 1_555 ? ? ? ? ? ? ?               2.989 ? ? 
metalc24 metalc ? ? E K  .  K  ? ? ? 1_555 B DG 12 O6 ? ? A K  28 B DG 24 1_555 ? ? ? ? ? ? ?               2.767 ? ? 
metalc25 metalc ? ? B DG 4  O6 ? ? ? 1_555 G K  .  K  ? ? B DG 16 B K  25 1_555 ? ? ? ? ? ? ?               2.891 ? ? 
metalc26 metalc ? ? B DT 5  O2 ? ? ? 1_555 G K  .  K  ? ? B DT 17 B K  25 1_555 ? ? ? ? ? ? ?               2.785 ? ? 
metalc27 metalc ? ? B DT 7  O2 ? ? ? 1_555 G K  .  K  ? ? B DT 19 B K  25 1_555 ? ? ? ? ? ? ?               2.641 ? ? 
metalc28 metalc ? ? B DG 9  O6 ? ? ? 1_555 G K  .  K  ? ? B DG 21 B K  25 1_555 ? ? ? ? ? ? ?               2.945 ? ? 
hydrog1  hydrog ? ? A DG 1  N7 ? ? ? 1_555 B DG 4  N2 ? ? A DG 1  B DG 16 1_555 ? ? ? ? ? ? TYPE_6_PAIR     ?     ? ? 
hydrog2  hydrog ? ? A DG 1  O6 ? ? ? 1_555 B DG 4  N1 ? ? A DG 1  B DG 16 1_555 ? ? ? ? ? ? TYPE_6_PAIR     ?     ? ? 
hydrog3  hydrog ? ? A DG 1  N1 ? ? ? 1_555 B DG 9  O6 ? ? A DG 1  B DG 21 1_555 ? ? ? ? ? ? TYPE_6_PAIR     ?     ? ? 
hydrog4  hydrog ? ? A DG 1  N2 ? ? ? 1_555 B DG 9  N7 ? ? A DG 1  B DG 21 1_555 ? ? ? ? ? ? TYPE_6_PAIR     ?     ? ? 
hydrog5  hydrog ? ? A DG 2  N1 ? ? ? 1_555 B DG 3  O6 ? ? A DG 2  B DG 15 1_555 ? ? ? ? ? ? TYPE_6_PAIR     ?     ? ? 
hydrog6  hydrog ? ? A DG 2  N2 ? ? ? 1_555 B DG 3  N7 ? ? A DG 2  B DG 15 1_555 ? ? ? ? ? ? TYPE_6_PAIR     ?     ? ? 
hydrog7  hydrog ? ? A DG 2  N7 ? ? ? 1_555 B DG 10 N2 ? ? A DG 2  B DG 22 1_555 ? ? ? ? ? ? TYPE_6_PAIR     ?     ? ? 
hydrog8  hydrog ? ? A DG 2  O6 ? ? ? 1_555 B DG 10 N1 ? ? A DG 2  B DG 22 1_555 ? ? ? ? ? ? TYPE_6_PAIR     ?     ? ? 
hydrog9  hydrog ? ? A DG 3  N7 ? ? ? 1_555 B DG 2  N2 ? ? A DG 3  B DG 14 1_555 ? ? ? ? ? ? TYPE_6_PAIR     ?     ? ? 
hydrog10 hydrog ? ? A DG 3  O6 ? ? ? 1_555 B DG 2  N1 ? ? A DG 3  B DG 14 1_555 ? ? ? ? ? ? TYPE_6_PAIR     ?     ? ? 
hydrog11 hydrog ? ? A DG 3  N1 ? ? ? 1_555 B DG 11 O6 ? ? A DG 3  B DG 23 1_555 ? ? ? ? ? ? TYPE_6_PAIR     ?     ? ? 
hydrog12 hydrog ? ? A DG 3  N2 ? ? ? 1_555 B DG 11 N7 ? ? A DG 3  B DG 23 1_555 ? ? ? ? ? ? TYPE_6_PAIR     ?     ? ? 
hydrog13 hydrog ? ? A DG 4  N1 ? ? ? 1_555 B DG 1  O6 ? ? A DG 4  B DG 13 1_555 ? ? ? ? ? ? TYPE_6_PAIR     ?     ? ? 
hydrog14 hydrog ? ? A DG 4  N2 ? ? ? 1_555 B DG 1  N7 ? ? A DG 4  B DG 13 1_555 ? ? ? ? ? ? TYPE_6_PAIR     ?     ? ? 
hydrog15 hydrog ? ? A DG 4  N7 ? ? ? 1_555 B DG 12 N2 ? ? A DG 4  B DG 24 1_555 ? ? ? ? ? ? TYPE_6_PAIR     ?     ? ? 
hydrog16 hydrog ? ? A DG 4  O6 ? ? ? 1_555 B DG 12 N1 ? ? A DG 4  B DG 24 1_555 ? ? ? ? ? ? TYPE_6_PAIR     ?     ? ? 
hydrog17 hydrog ? ? A DG 9  N7 ? ? ? 1_555 B DG 1  N2 ? ? A DG 9  B DG 13 1_555 ? ? ? ? ? ? TYPE_6_PAIR     ?     ? ? 
hydrog18 hydrog ? ? A DG 9  O6 ? ? ? 1_555 B DG 1  N1 ? ? A DG 9  B DG 13 1_555 ? ? ? ? ? ? TYPE_6_PAIR     ?     ? ? 
hydrog19 hydrog ? ? A DG 9  N1 ? ? ? 1_555 B DG 12 O6 ? ? A DG 9  B DG 24 1_555 ? ? ? ? ? ? TYPE_6_PAIR     ?     ? ? 
hydrog20 hydrog ? ? A DG 9  N2 ? ? ? 1_555 B DG 12 N7 ? ? A DG 9  B DG 24 1_555 ? ? ? ? ? ? TYPE_6_PAIR     ?     ? ? 
hydrog21 hydrog ? ? A DG 10 N1 ? ? ? 1_555 B DG 2  O6 ? ? A DG 10 B DG 14 1_555 ? ? ? ? ? ? TYPE_6_PAIR     ?     ? ? 
hydrog22 hydrog ? ? A DG 10 N2 ? ? ? 1_555 B DG 2  N7 ? ? A DG 10 B DG 14 1_555 ? ? ? ? ? ? TYPE_6_PAIR     ?     ? ? 
hydrog23 hydrog ? ? A DG 10 N7 ? ? ? 1_555 B DG 11 N2 ? ? A DG 10 B DG 23 1_555 ? ? ? ? ? ? TYPE_6_PAIR     ?     ? ? 
hydrog24 hydrog ? ? A DG 10 O6 ? ? ? 1_555 B DG 11 N1 ? ? A DG 10 B DG 23 1_555 ? ? ? ? ? ? TYPE_6_PAIR     ?     ? ? 
hydrog25 hydrog ? ? A DG 11 N7 ? ? ? 1_555 B DG 3  N2 ? ? A DG 11 B DG 15 1_555 ? ? ? ? ? ? TYPE_6_PAIR     ?     ? ? 
hydrog26 hydrog ? ? A DG 11 O6 ? ? ? 1_555 B DG 3  N1 ? ? A DG 11 B DG 15 1_555 ? ? ? ? ? ? TYPE_6_PAIR     ?     ? ? 
hydrog27 hydrog ? ? A DG 11 N1 ? ? ? 1_555 B DG 10 O6 ? ? A DG 11 B DG 22 1_555 ? ? ? ? ? ? TYPE_6_PAIR     ?     ? ? 
hydrog28 hydrog ? ? A DG 11 N2 ? ? ? 1_555 B DG 10 N7 ? ? A DG 11 B DG 22 1_555 ? ? ? ? ? ? TYPE_6_PAIR     ?     ? ? 
hydrog29 hydrog ? ? A DG 12 N1 ? ? ? 1_555 B DG 4  O6 ? ? A DG 12 B DG 16 1_555 ? ? ? ? ? ? TYPE_6_PAIR     ?     ? ? 
hydrog30 hydrog ? ? A DG 12 N2 ? ? ? 1_555 B DG 4  N7 ? ? A DG 12 B DG 16 1_555 ? ? ? ? ? ? TYPE_6_PAIR     ?     ? ? 
hydrog31 hydrog ? ? A DG 12 N7 ? ? ? 1_555 B DG 9  N2 ? ? A DG 12 B DG 21 1_555 ? ? ? ? ? ? TYPE_6_PAIR     ?     ? ? 
hydrog32 hydrog ? ? A DG 12 O6 ? ? ? 1_555 B DG 9  N1 ? ? A DG 12 B DG 21 1_555 ? ? ? ? ? ? TYPE_6_PAIR     ?     ? ? 
hydrog33 hydrog ? ? B DT 5  O2 ? ? ? 1_555 B DT 7  N3 ? ? B DT 17 B DT 19 1_555 ? ? ? ? ? ? 'DT-DT MISPAIR' ?     ? ? 
# 
loop_
_struct_conn_type.id 
_struct_conn_type.criteria 
_struct_conn_type.reference 
metalc ? ? 
hydrog ? ? 
# 
loop_
_struct_site.id 
_struct_site.pdbx_evidence_code 
_struct_site.pdbx_auth_asym_id 
_struct_site.pdbx_auth_comp_id 
_struct_site.pdbx_auth_seq_id 
_struct_site.pdbx_auth_ins_code 
_struct_site.pdbx_num_residues 
_struct_site.details 
AC1 Software A K   26 ? 10 'BINDING SITE FOR RESIDUE K A 26'   
AC2 Software A K   27 ? 10 'BINDING SITE FOR RESIDUE K A 27'   
AC3 Software A K   28 ? 9  'BINDING SITE FOR RESIDUE K A 28'   
AC4 Software A NCQ 29 ? 9  'BINDING SITE FOR RESIDUE NCQ A 29' 
AC5 Software B K   25 ? 7  'BINDING SITE FOR RESIDUE K B 25'   
# 
loop_
_struct_site_gen.id 
_struct_site_gen.site_id 
_struct_site_gen.pdbx_num_res 
_struct_site_gen.label_comp_id 
_struct_site_gen.label_asym_id 
_struct_site_gen.label_seq_id 
_struct_site_gen.pdbx_auth_ins_code 
_struct_site_gen.auth_comp_id 
_struct_site_gen.auth_asym_id 
_struct_site_gen.auth_seq_id 
_struct_site_gen.label_atom_id 
_struct_site_gen.label_alt_id 
_struct_site_gen.symmetry 
_struct_site_gen.details 
1  AC1 10 DG  A 1  ? DG  A 1  . ? 1_555 ? 
2  AC1 10 DG  A 2  ? DG  A 2  . ? 1_555 ? 
3  AC1 10 DG  A 11 ? DG  A 11 . ? 1_555 ? 
4  AC1 10 DG  A 12 ? DG  A 12 . ? 1_555 ? 
5  AC1 10 K   D .  ? K   A 27 . ? 1_555 ? 
6  AC1 10 DG  B 3  ? DG  B 15 . ? 1_555 ? 
7  AC1 10 DG  B 4  ? DG  B 16 . ? 1_555 ? 
8  AC1 10 DG  B 9  ? DG  B 21 . ? 1_555 ? 
9  AC1 10 DG  B 10 ? DG  B 22 . ? 1_555 ? 
10 AC1 10 K   G .  ? K   B 25 . ? 1_555 ? 
11 AC2 10 DG  A 2  ? DG  A 2  . ? 1_555 ? 
12 AC2 10 DG  A 3  ? DG  A 3  . ? 1_555 ? 
13 AC2 10 DG  A 10 ? DG  A 10 . ? 1_555 ? 
14 AC2 10 DG  A 11 ? DG  A 11 . ? 1_555 ? 
15 AC2 10 K   C .  ? K   A 26 . ? 1_555 ? 
16 AC2 10 K   E .  ? K   A 28 . ? 1_555 ? 
17 AC2 10 DG  B 2  ? DG  B 14 . ? 1_555 ? 
18 AC2 10 DG  B 3  ? DG  B 15 . ? 1_555 ? 
19 AC2 10 DG  B 10 ? DG  B 22 . ? 1_555 ? 
20 AC2 10 DG  B 11 ? DG  B 23 . ? 1_555 ? 
21 AC3 9  DG  A 3  ? DG  A 3  . ? 1_555 ? 
22 AC3 9  DG  A 4  ? DG  A 4  . ? 1_555 ? 
23 AC3 9  DG  A 9  ? DG  A 9  . ? 1_555 ? 
24 AC3 9  DG  A 10 ? DG  A 10 . ? 1_555 ? 
25 AC3 9  K   D .  ? K   A 27 . ? 1_555 ? 
26 AC3 9  DG  B 1  ? DG  B 13 . ? 1_555 ? 
27 AC3 9  DG  B 2  ? DG  B 14 . ? 1_555 ? 
28 AC3 9  DG  B 11 ? DG  B 23 . ? 1_555 ? 
29 AC3 9  DG  B 12 ? DG  B 24 . ? 1_555 ? 
30 AC4 9  DT  A 6  ? DT  A 6  . ? 1_555 ? 
31 AC4 9  DT  A 7  ? DT  A 7  . ? 1_555 ? 
32 AC4 9  DG  A 9  ? DG  A 9  . ? 1_555 ? 
33 AC4 9  HOH H .  ? HOH A 34 . ? 1_555 ? 
34 AC4 9  HOH H .  ? HOH A 52 . ? 1_555 ? 
35 AC4 9  DG  B 1  ? DG  B 13 . ? 1_555 ? 
36 AC4 9  DT  B 8  ? DT  B 20 . ? 3_556 ? 
37 AC4 9  DG  B 9  ? DG  B 21 . ? 3_556 ? 
38 AC4 9  DG  B 12 ? DG  B 24 . ? 1_555 ? 
39 AC5 7  DG  A 1  ? DG  A 1  . ? 1_555 ? 
40 AC5 7  DG  A 12 ? DG  A 12 . ? 1_555 ? 
41 AC5 7  K   C .  ? K   A 26 . ? 1_555 ? 
42 AC5 7  DG  B 4  ? DG  B 16 . ? 1_555 ? 
43 AC5 7  DT  B 5  ? DT  B 17 . ? 1_555 ? 
44 AC5 7  DT  B 7  ? DT  B 19 . ? 1_555 ? 
45 AC5 7  DG  B 9  ? DG  B 21 . ? 1_555 ? 
# 
_atom_sites.entry_id                    3EUM 
_atom_sites.fract_transf_matrix[1][1]   0.00572279 
_atom_sites.fract_transf_matrix[1][2]   0.01453101 
_atom_sites.fract_transf_matrix[1][3]   0.00890751 
_atom_sites.fract_transf_matrix[2][1]   0.01799187 
_atom_sites.fract_transf_matrix[2][2]   0.00221291 
_atom_sites.fract_transf_matrix[2][3]   -0.01516916 
_atom_sites.fract_transf_matrix[3][1]   -0.02086723 
_atom_sites.fract_transf_matrix[3][2]   0.02147012 
_atom_sites.fract_transf_matrix[3][3]   -0.02161814 
_atom_sites.fract_transf_vector[1]      0.375969 
_atom_sites.fract_transf_vector[2]      0.271571 
_atom_sites.fract_transf_vector[3]      0.431620 
# 
loop_
_atom_type.symbol 
C 
K 
N 
O 
P 
# 
loop_
_atom_site.group_PDB 
_atom_site.id 
_atom_site.type_symbol 
_atom_site.label_atom_id 
_atom_site.label_alt_id 
_atom_site.label_comp_id 
_atom_site.label_asym_id 
_atom_site.label_entity_id 
_atom_site.label_seq_id 
_atom_site.pdbx_PDB_ins_code 
_atom_site.Cartn_x 
_atom_site.Cartn_y 
_atom_site.Cartn_z 
_atom_site.occupancy 
_atom_site.B_iso_or_equiv 
_atom_site.pdbx_formal_charge 
_atom_site.auth_seq_id 
_atom_site.auth_comp_id 
_atom_site.auth_asym_id 
_atom_site.auth_atom_id 
_atom_site.pdbx_PDB_model_num 
ATOM   1   O "O5'" . DG  A 1 1  ? -10.416 -2.029  -1.627  1.00 14.81 ? 1  DG  A "O5'" 1 
ATOM   2   C "C5'" . DG  A 1 1  ? -11.541 -1.352  -2.145  1.00 13.89 ? 1  DG  A "C5'" 1 
ATOM   3   C "C4'" . DG  A 1 1  ? -11.137 -0.604  -3.401  1.00 12.07 ? 1  DG  A "C4'" 1 
ATOM   4   O "O4'" . DG  A 1 1  ? -10.416 0.585   -3.009  1.00 12.43 ? 1  DG  A "O4'" 1 
ATOM   5   C "C3'" . DG  A 1 1  ? -10.219 -1.328  -4.390  1.00 13.36 ? 1  DG  A "C3'" 1 
ATOM   6   O "O3'" . DG  A 1 1  ? -10.584 -1.017  -5.746  1.00 14.81 ? 1  DG  A "O3'" 1 
ATOM   7   C "C2'" . DG  A 1 1  ? -8.831  -0.781  -4.066  1.00 11.99 ? 1  DG  A "C2'" 1 
ATOM   8   C "C1'" . DG  A 1 1  ? -9.174  0.639   -3.662  1.00 10.89 ? 1  DG  A "C1'" 1 
ATOM   9   N N9    . DG  A 1 1  ? -8.211  1.241   -2.757  1.00 10.95 ? 1  DG  A N9    1 
ATOM   10  C C8    . DG  A 1 1  ? -7.565  2.423   -2.995  1.00 9.70  ? 1  DG  A C8    1 
ATOM   11  N N7    . DG  A 1 1  ? -6.742  2.755   -2.044  1.00 9.45  ? 1  DG  A N7    1 
ATOM   12  C C5    . DG  A 1 1  ? -6.824  1.714   -1.134  1.00 10.40 ? 1  DG  A C5    1 
ATOM   13  C C6    . DG  A 1 1  ? -6.149  1.536   0.095   1.00 9.08  ? 1  DG  A C6    1 
ATOM   14  O O6    . DG  A 1 1  ? -5.318  2.294   0.623   1.00 9.58  ? 1  DG  A O6    1 
ATOM   15  N N1    . DG  A 1 1  ? -6.490  0.340   0.740   1.00 11.62 ? 1  DG  A N1    1 
ATOM   16  C C2    . DG  A 1 1  ? -7.399  -0.562  0.241   1.00 10.28 ? 1  DG  A C2    1 
ATOM   17  N N2    . DG  A 1 1  ? -7.604  -1.651  0.994   1.00 9.17  ? 1  DG  A N2    1 
ATOM   18  N N3    . DG  A 1 1  ? -8.050  -0.394  -0.916  1.00 10.45 ? 1  DG  A N3    1 
ATOM   19  C C4    . DG  A 1 1  ? -7.712  0.752   -1.562  1.00 10.47 ? 1  DG  A C4    1 
ATOM   20  P P     . DG  A 1 2  ? -9.790  -1.663  -6.980  1.00 15.59 ? 2  DG  A P     1 
ATOM   21  O OP1   . DG  A 1 2  ? -10.668 -1.598  -8.169  1.00 17.42 ? 2  DG  A OP1   1 
ATOM   22  O OP2   . DG  A 1 2  ? -9.276  -2.975  -6.577  1.00 14.31 ? 2  DG  A OP2   1 
ATOM   23  O "O5'" . DG  A 1 2  ? -8.559  -0.662  -7.169  1.00 13.65 ? 2  DG  A "O5'" 1 
ATOM   24  C "C5'" . DG  A 1 2  ? -8.670  0.672   -7.616  1.00 16.19 ? 2  DG  A "C5'" 1 
ATOM   25  C "C4'" . DG  A 1 2  ? -7.347  1.410   -7.486  1.00 14.35 ? 2  DG  A "C4'" 1 
ATOM   26  O "O4'" . DG  A 1 2  ? -6.864  1.451   -6.109  1.00 14.33 ? 2  DG  A "O4'" 1 
ATOM   27  C "C3'" . DG  A 1 2  ? -6.204  0.840   -8.324  1.00 15.83 ? 2  DG  A "C3'" 1 
ATOM   28  O "O3'" . DG  A 1 2  ? -5.632  1.941   -9.005  1.00 18.68 ? 2  DG  A "O3'" 1 
ATOM   29  C "C2'" . DG  A 1 2  ? -5.252  0.201   -7.299  1.00 12.86 ? 2  DG  A "C2'" 1 
ATOM   30  C "C1'" . DG  A 1 2  ? -5.471  1.188   -6.151  1.00 13.23 ? 2  DG  A "C1'" 1 
ATOM   31  N N9    . DG  A 1 2  ? -5.011  0.774   -4.827  1.00 12.38 ? 2  DG  A N9    1 
ATOM   32  C C8    . DG  A 1 2  ? -5.322  -0.382  -4.151  1.00 11.64 ? 2  DG  A C8    1 
ATOM   33  N N7    . DG  A 1 2  ? -4.765  -0.460  -2.972  1.00 12.74 ? 2  DG  A N7    1 
ATOM   34  C C5    . DG  A 1 2  ? -4.051  0.732   -2.874  1.00 12.22 ? 2  DG  A C5    1 
ATOM   35  C C6    . DG  A 1 2  ? -3.263  1.210   -1.812  1.00 12.48 ? 2  DG  A C6    1 
ATOM   36  O O6    . DG  A 1 2  ? -3.024  0.632   -0.745  1.00 11.71 ? 2  DG  A O6    1 
ATOM   37  N N1    . DG  A 1 2  ? -2.690  2.449   -2.079  1.00 11.90 ? 2  DG  A N1    1 
ATOM   38  C C2    . DG  A 1 2  ? -2.884  3.170   -3.238  1.00 10.78 ? 2  DG  A C2    1 
ATOM   39  N N2    . DG  A 1 2  ? -2.259  4.344   -3.313  1.00 7.28  ? 2  DG  A N2    1 
ATOM   40  N N3    . DG  A 1 2  ? -3.637  2.743   -4.256  1.00 11.52 ? 2  DG  A N3    1 
ATOM   41  C C4    . DG  A 1 2  ? -4.191  1.515   -3.999  1.00 12.32 ? 2  DG  A C4    1 
ATOM   42  P P     . DG  A 1 3  ? -4.582  1.739   -10.203 1.00 22.67 ? 3  DG  A P     1 
ATOM   43  O OP1   . DG  A 1 3  ? -5.260  2.074   -11.473 1.00 22.79 ? 3  DG  A OP1   1 
ATOM   44  O OP2   . DG  A 1 3  ? -3.879  0.436   -10.084 1.00 24.91 ? 3  DG  A OP2   1 
ATOM   45  O "O5'" . DG  A 1 3  ? -3.517  2.852   -9.837  1.00 21.39 ? 3  DG  A "O5'" 1 
ATOM   46  C "C5'" . DG  A 1 3  ? -2.826  2.899   -8.580  1.00 18.71 ? 3  DG  A "C5'" 1 
ATOM   47  C "C4'" . DG  A 1 3  ? -1.742  3.962   -8.710  1.00 16.24 ? 3  DG  A "C4'" 1 
ATOM   48  O "O4'" . DG  A 1 3  ? -1.182  4.367   -7.429  1.00 13.94 ? 3  DG  A "O4'" 1 
ATOM   49  C "C3'" . DG  A 1 3  ? -0.561  3.506   -9.567  1.00 13.78 ? 3  DG  A "C3'" 1 
ATOM   50  O "O3'" . DG  A 1 3  ? -0.126  4.639   -10.312 1.00 15.53 ? 3  DG  A "O3'" 1 
ATOM   51  C "C2'" . DG  A 1 3  ? 0.456   3.071   -8.526  1.00 12.49 ? 3  DG  A "C2'" 1 
ATOM   52  C "C1'" . DG  A 1 3  ? 0.198   4.055   -7.399  1.00 12.49 ? 3  DG  A "C1'" 1 
ATOM   53  N N9    . DG  A 1 3  ? 0.461   3.538   -6.054  1.00 9.18  ? 3  DG  A N9    1 
ATOM   54  C C8    . DG  A 1 3  ? 1.219   4.181   -5.101  1.00 8.18  ? 3  DG  A C8    1 
ATOM   55  N N7    . DG  A 1 3  ? 1.288   3.522   -3.977  1.00 9.13  ? 3  DG  A N7    1 
ATOM   56  C C5    . DG  A 1 3  ? 0.497   2.402   -4.198  1.00 8.41  ? 3  DG  A C5    1 
ATOM   57  C C6    . DG  A 1 3  ? 0.199   1.329   -3.340  1.00 8.63  ? 3  DG  A C6    1 
ATOM   58  O O6    . DG  A 1 3  ? 0.591   1.216   -2.191  1.00 10.33 ? 3  DG  A O6    1 
ATOM   59  N N1    . DG  A 1 3  ? -0.619  0.332   -3.903  1.00 9.08  ? 3  DG  A N1    1 
ATOM   60  C C2    . DG  A 1 3  ? -1.086  0.417   -5.202  1.00 8.25  ? 3  DG  A C2    1 
ATOM   61  N N2    . DG  A 1 3  ? -1.878  -0.557  -5.623  1.00 5.61  ? 3  DG  A N2    1 
ATOM   62  N N3    . DG  A 1 3  ? -0.820  1.417   -6.027  1.00 6.54  ? 3  DG  A N3    1 
ATOM   63  C C4    . DG  A 1 3  ? -0.019  2.379   -5.470  1.00 10.20 ? 3  DG  A C4    1 
ATOM   64  P P     . DG  A 1 4  ? 1.050   4.570   -11.381 1.00 14.86 ? 4  DG  A P     1 
ATOM   65  O OP1   . DG  A 1 4  ? 0.860   5.787   -12.211 1.00 14.57 ? 4  DG  A OP1   1 
ATOM   66  O OP2   . DG  A 1 4  ? 1.072   3.229   -11.969 1.00 15.80 ? 4  DG  A OP2   1 
ATOM   67  O "O5'" . DG  A 1 4  ? 2.351   4.830   -10.498 1.00 13.29 ? 4  DG  A "O5'" 1 
ATOM   68  C "C5'" . DG  A 1 4  ? 2.482   6.039   -9.744  1.00 14.58 ? 4  DG  A "C5'" 1 
ATOM   69  C "C4'" . DG  A 1 4  ? 3.729   5.938   -8.891  1.00 15.40 ? 4  DG  A "C4'" 1 
ATOM   70  O "O4'" . DG  A 1 4  ? 3.456   5.013   -7.819  1.00 13.61 ? 4  DG  A "O4'" 1 
ATOM   71  C "C3'" . DG  A 1 4  ? 4.961   5.376   -9.612  1.00 17.00 ? 4  DG  A "C3'" 1 
ATOM   72  O "O3'" . DG  A 1 4  ? 6.072   6.235   -9.328  1.00 17.06 ? 4  DG  A "O3'" 1 
ATOM   73  C "C2'" . DG  A 1 4  ? 5.127   3.966   -9.028  1.00 14.52 ? 4  DG  A "C2'" 1 
ATOM   74  C "C1'" . DG  A 1 4  ? 4.577   4.174   -7.629  1.00 14.09 ? 4  DG  A "C1'" 1 
ATOM   75  N N9    . DG  A 1 4  ? 4.099   2.990   -6.934  1.00 13.24 ? 4  DG  A N9    1 
ATOM   76  C C8    . DG  A 1 4  ? 3.334   1.974   -7.469  1.00 13.28 ? 4  DG  A C8    1 
ATOM   77  N N7    . DG  A 1 4  ? 3.025   1.054   -6.601  1.00 13.31 ? 4  DG  A N7    1 
ATOM   78  C C5    . DG  A 1 4  ? 3.632   1.477   -5.428  1.00 12.36 ? 4  DG  A C5    1 
ATOM   79  C C6    . DG  A 1 4  ? 3.639   0.871   -4.150  1.00 11.51 ? 4  DG  A C6    1 
ATOM   80  O O6    . DG  A 1 4  ? 3.105   -0.192  -3.840  1.00 12.43 ? 4  DG  A O6    1 
ATOM   81  N N1    . DG  A 1 4  ? 4.352   1.597   -3.203  1.00 11.36 ? 4  DG  A N1    1 
ATOM   82  C C2    . DG  A 1 4  ? 5.009   2.781   -3.474  1.00 11.07 ? 4  DG  A C2    1 
ATOM   83  N N2    . DG  A 1 4  ? 5.657   3.357   -2.458  1.00 11.03 ? 4  DG  A N2    1 
ATOM   84  N N3    . DG  A 1 4  ? 4.990   3.376   -4.664  1.00 12.21 ? 4  DG  A N3    1 
ATOM   85  C C4    . DG  A 1 4  ? 4.295   2.666   -5.602  1.00 12.71 ? 4  DG  A C4    1 
ATOM   86  P P     . DT  A 1 5  ? 7.565   5.974   -9.823  1.00 17.35 ? 5  DT  A P     1 
ATOM   87  O OP1   . DT  A 1 5  ? 8.129   7.337   -9.998  1.00 18.73 ? 5  DT  A OP1   1 
ATOM   88  O OP2   . DT  A 1 5  ? 7.644   4.980   -10.916 1.00 17.59 ? 5  DT  A OP2   1 
ATOM   89  O "O5'" . DT  A 1 5  ? 8.242   5.323   -8.532  1.00 17.12 ? 5  DT  A "O5'" 1 
ATOM   90  C "C5'" . DT  A 1 5  ? 9.400   4.545   -8.701  1.00 18.35 ? 5  DT  A "C5'" 1 
ATOM   91  C "C4'" . DT  A 1 5  ? 10.242  4.662   -7.448  1.00 20.24 ? 5  DT  A "C4'" 1 
ATOM   92  O "O4'" . DT  A 1 5  ? 10.750  6.016   -7.322  1.00 23.04 ? 5  DT  A "O4'" 1 
ATOM   93  C "C3'" . DT  A 1 5  ? 9.510   4.374   -6.135  1.00 19.32 ? 5  DT  A "C3'" 1 
ATOM   94  O "O3'" . DT  A 1 5  ? 10.434  3.700   -5.261  1.00 17.29 ? 5  DT  A "O3'" 1 
ATOM   95  C "C2'" . DT  A 1 5  ? 9.121   5.776   -5.651  1.00 20.44 ? 5  DT  A "C2'" 1 
ATOM   96  C "C1'" . DT  A 1 5  ? 10.373  6.542   -6.058  1.00 22.04 ? 5  DT  A "C1'" 1 
ATOM   97  N N1    . DT  A 1 5  ? 10.288  8.052   -6.153  1.00 23.06 ? 5  DT  A N1    1 
ATOM   98  C C2    . DT  A 1 5  ? 10.483  8.823   -5.007  1.00 22.26 ? 5  DT  A C2    1 
ATOM   99  O O2    . DT  A 1 5  ? 10.708  8.363   -3.900  1.00 20.22 ? 5  DT  A O2    1 
ATOM   100 N N3    . DT  A 1 5  ? 10.382  10.184  -5.216  1.00 24.25 ? 5  DT  A N3    1 
ATOM   101 C C4    . DT  A 1 5  ? 10.132  10.833  -6.435  1.00 25.00 ? 5  DT  A C4    1 
ATOM   102 O O4    . DT  A 1 5  ? 10.083  12.057  -6.531  1.00 26.18 ? 5  DT  A O4    1 
ATOM   103 C C5    . DT  A 1 5  ? 9.943   9.979   -7.591  1.00 24.70 ? 5  DT  A C5    1 
ATOM   104 C C7    . DT  A 1 5  ? 9.658   10.592  -8.945  1.00 21.90 ? 5  DT  A C7    1 
ATOM   105 C C6    . DT  A 1 5  ? 10.032  8.644   -7.394  1.00 22.84 ? 5  DT  A C6    1 
ATOM   106 P P     . DT  A 1 6  ? 10.541  2.099   -5.217  1.00 15.50 ? 6  DT  A P     1 
ATOM   107 O OP1   . DT  A 1 6  ? 11.745  1.795   -4.411  1.00 16.66 ? 6  DT  A OP1   1 
ATOM   108 O OP2   . DT  A 1 6  ? 10.424  1.524   -6.567  1.00 17.63 ? 6  DT  A OP2   1 
ATOM   109 O "O5'" . DT  A 1 6  ? 9.195   1.725   -4.435  1.00 15.96 ? 6  DT  A "O5'" 1 
ATOM   110 C "C5'" . DT  A 1 6  ? 9.161   1.624   -3.022  1.00 14.96 ? 6  DT  A "C5'" 1 
ATOM   111 C "C4'" . DT  A 1 6  ? 8.492   0.320   -2.634  1.00 14.99 ? 6  DT  A "C4'" 1 
ATOM   112 O "O4'" . DT  A 1 6  ? 7.159   0.305   -3.158  1.00 13.56 ? 6  DT  A "O4'" 1 
ATOM   113 C "C3'" . DT  A 1 6  ? 9.128   -0.911  -3.262  1.00 14.91 ? 6  DT  A "C3'" 1 
ATOM   114 O "O3'" . DT  A 1 6  ? 10.177  -1.312  -2.411  1.00 17.79 ? 6  DT  A "O3'" 1 
ATOM   115 C "C2'" . DT  A 1 6  ? 7.983   -1.927  -3.296  1.00 13.04 ? 6  DT  A "C2'" 1 
ATOM   116 C "C1'" . DT  A 1 6  ? 6.775   -1.021  -3.469  1.00 13.73 ? 6  DT  A "C1'" 1 
ATOM   117 N N1    . DT  A 1 6  ? 6.282   -1.091  -4.862  1.00 13.72 ? 6  DT  A N1    1 
ATOM   118 C C2    . DT  A 1 6  ? 5.414   -2.122  -5.165  1.00 13.88 ? 6  DT  A C2    1 
ATOM   119 O O2    . DT  A 1 6  ? 5.044   -2.940  -4.339  1.00 14.17 ? 6  DT  A O2    1 
ATOM   120 N N3    . DT  A 1 6  ? 4.984   -2.153  -6.464  1.00 12.99 ? 6  DT  A N3    1 
ATOM   121 C C4    . DT  A 1 6  ? 5.350   -1.291  -7.487  1.00 12.96 ? 6  DT  A C4    1 
ATOM   122 O O4    . DT  A 1 6  ? 4.910   -1.419  -8.636  1.00 13.07 ? 6  DT  A O4    1 
ATOM   123 C C5    . DT  A 1 6  ? 6.269   -0.237  -7.104  1.00 13.35 ? 6  DT  A C5    1 
ATOM   124 C C7    . DT  A 1 6  ? 6.741   0.765   -8.127  1.00 14.61 ? 6  DT  A C7    1 
ATOM   125 C C6    . DT  A 1 6  ? 6.695   -0.184  -5.825  1.00 12.96 ? 6  DT  A C6    1 
ATOM   126 P P     . DT  A 1 7  ? 11.170  -2.505  -2.794  1.00 17.64 ? 7  DT  A P     1 
ATOM   127 O OP1   . DT  A 1 7  ? 12.258  -2.488  -1.784  1.00 21.27 ? 7  DT  A OP1   1 
ATOM   128 O OP2   . DT  A 1 7  ? 11.446  -2.406  -4.247  1.00 17.80 ? 7  DT  A OP2   1 
ATOM   129 O "O5'" . DT  A 1 7  ? 10.269  -3.813  -2.550  1.00 18.34 ? 7  DT  A "O5'" 1 
ATOM   130 C "C5'" . DT  A 1 7  ? 10.747  -5.085  -2.904  1.00 17.76 ? 7  DT  A "C5'" 1 
ATOM   131 C "C4'" . DT  A 1 7  ? 9.692   -6.074  -2.465  1.00 17.65 ? 7  DT  A "C4'" 1 
ATOM   132 O "O4'" . DT  A 1 7  ? 8.539   -5.943  -3.326  1.00 16.90 ? 7  DT  A "O4'" 1 
ATOM   133 C "C3'" . DT  A 1 7  ? 10.114  -7.532  -2.528  1.00 19.35 ? 7  DT  A "C3'" 1 
ATOM   134 O "O3'" . DT  A 1 7  ? 9.582   -8.197  -1.384  1.00 22.73 ? 7  DT  A "O3'" 1 
ATOM   135 C "C2'" . DT  A 1 7  ? 9.490   -8.015  -3.830  1.00 16.30 ? 7  DT  A "C2'" 1 
ATOM   136 C "C1'" . DT  A 1 7  ? 8.177   -7.239  -3.764  1.00 15.75 ? 7  DT  A "C1'" 1 
ATOM   137 N N1    . DT  A 1 7  ? 7.450   -7.160  -5.040  1.00 14.56 ? 7  DT  A N1    1 
ATOM   138 C C2    . DT  A 1 7  ? 6.681   -8.245  -5.433  1.00 15.64 ? 7  DT  A C2    1 
ATOM   139 O O2    . DT  A 1 7  ? 6.590   -9.253  -4.750  1.00 15.98 ? 7  DT  A O2    1 
ATOM   140 N N3    . DT  A 1 7  ? 6.041   -8.098  -6.643  1.00 13.54 ? 7  DT  A N3    1 
ATOM   141 C C4    . DT  A 1 7  ? 6.125   -6.977  -7.473  1.00 16.15 ? 7  DT  A C4    1 
ATOM   142 O O4    . DT  A 1 7  ? 5.533   -6.900  -8.536  1.00 15.95 ? 7  DT  A O4    1 
ATOM   143 C C5    . DT  A 1 7  ? 6.952   -5.881  -6.999  1.00 15.54 ? 7  DT  A C5    1 
ATOM   144 C C7    . DT  A 1 7  ? 7.120   -4.621  -7.795  1.00 16.70 ? 7  DT  A C7    1 
ATOM   145 C C6    . DT  A 1 7  ? 7.571   -6.031  -5.824  1.00 15.78 ? 7  DT  A C6    1 
ATOM   146 P P     . DT  A 1 8  ? 10.582  -8.780  -0.286  1.00 27.32 ? 8  DT  A P     1 
ATOM   147 O OP1   . DT  A 1 8  ? 10.869  -7.709  0.689   1.00 28.71 ? 8  DT  A OP1   1 
ATOM   148 O OP2   . DT  A 1 8  ? 11.675  -9.457  -1.017  1.00 28.56 ? 8  DT  A OP2   1 
ATOM   149 O "O5'" . DT  A 1 8  ? 9.729   -9.919  0.411   1.00 29.15 ? 8  DT  A "O5'" 1 
ATOM   150 C "C5'" . DT  A 1 8  ? 9.221   -11.011 -0.336  1.00 30.37 ? 8  DT  A "C5'" 1 
ATOM   151 C "C4'" . DT  A 1 8  ? 8.235   -11.759 0.545   1.00 32.00 ? 8  DT  A "C4'" 1 
ATOM   152 O "O4'" . DT  A 1 8  ? 8.799   -12.030 1.863   1.00 31.84 ? 8  DT  A "O4'" 1 
ATOM   153 C "C3'" . DT  A 1 8  ? 6.938   -11.005 0.817   1.00 32.12 ? 8  DT  A "C3'" 1 
ATOM   154 O "O3'" . DT  A 1 8  ? 5.886   -11.974 0.902   1.00 31.56 ? 8  DT  A "O3'" 1 
ATOM   155 C "C2'" . DT  A 1 8  ? 7.188   -10.334 2.168   1.00 32.93 ? 8  DT  A "C2'" 1 
ATOM   156 C "C1'" . DT  A 1 8  ? 7.990   -11.425 2.864   1.00 34.01 ? 8  DT  A "C1'" 1 
ATOM   157 N N1    . DT  A 1 8  ? 8.846   -10.893 3.951   1.00 36.05 ? 8  DT  A N1    1 
ATOM   158 C C2    . DT  A 1 8  ? 8.383   -10.954 5.247   1.00 37.66 ? 8  DT  A C2    1 
ATOM   159 O O2    . DT  A 1 8  ? 7.292   -11.435 5.546   1.00 38.23 ? 8  DT  A O2    1 
ATOM   160 N N3    . DT  A 1 8  ? 9.265   -10.435 6.174   1.00 37.34 ? 8  DT  A N3    1 
ATOM   161 C C4    . DT  A 1 8  ? 10.512  -9.872  5.941   1.00 36.98 ? 8  DT  A C4    1 
ATOM   162 O O4    . DT  A 1 8  ? 11.211  -9.438  6.851   1.00 37.44 ? 8  DT  A O4    1 
ATOM   163 C C5    . DT  A 1 8  ? 10.923  -9.840  4.556   1.00 36.71 ? 8  DT  A C5    1 
ATOM   164 C C7    . DT  A 1 8  ? 12.244  -9.272  4.131   1.00 37.35 ? 8  DT  A C7    1 
ATOM   165 C C6    . DT  A 1 8  ? 10.079  -10.343 3.650   1.00 37.16 ? 8  DT  A C6    1 
ATOM   166 P P     . DG  A 1 9  ? 4.788   -12.084 -0.247  1.00 29.26 ? 9  DG  A P     1 
ATOM   167 O OP1   . DG  A 1 9  ? 3.933   -13.242 0.100   1.00 29.80 ? 9  DG  A OP1   1 
ATOM   168 O OP2   . DG  A 1 9  ? 5.496   -12.028 -1.539  1.00 29.78 ? 9  DG  A OP2   1 
ATOM   169 O "O5'" . DG  A 1 9  ? 3.971   -10.707 -0.040  1.00 25.92 ? 9  DG  A "O5'" 1 
ATOM   170 C "C5'" . DG  A 1 9  ? 2.912   -10.611 0.933   1.00 22.06 ? 9  DG  A "C5'" 1 
ATOM   171 C "C4'" . DG  A 1 9  ? 3.392   -10.272 2.343   1.00 18.29 ? 9  DG  A "C4'" 1 
ATOM   172 O "O4'" . DG  A 1 9  ? 4.248   -9.086  2.335   1.00 17.25 ? 9  DG  A "O4'" 1 
ATOM   173 C "C3'" . DG  A 1 9  ? 2.285   -9.975  3.351   1.00 16.64 ? 9  DG  A "C3'" 1 
ATOM   174 O "O3'" . DG  A 1 9  ? 2.677   -10.419 4.670   1.00 15.21 ? 9  DG  A "O3'" 1 
ATOM   175 C "C2'" . DG  A 1 9  ? 2.192   -8.462  3.320   1.00 13.77 ? 9  DG  A "C2'" 1 
ATOM   176 C "C1'" . DG  A 1 9  ? 3.667   -8.105  3.169   1.00 15.24 ? 9  DG  A "C1'" 1 
ATOM   177 N N9    . DG  A 1 9  ? 3.858   -6.786  2.587   1.00 13.99 ? 9  DG  A N9    1 
ATOM   178 C C8    . DG  A 1 9  ? 4.633   -5.777  3.111   1.00 13.22 ? 9  DG  A C8    1 
ATOM   179 N N7    . DG  A 1 9  ? 4.623   -4.707  2.374   1.00 13.51 ? 9  DG  A N7    1 
ATOM   180 C C5    . DG  A 1 9  ? 3.787   -5.022  1.310   1.00 13.28 ? 9  DG  A C5    1 
ATOM   181 C C6    . DG  A 1 9  ? 3.396   -4.239  0.202   1.00 12.29 ? 9  DG  A C6    1 
ATOM   182 O O6    . DG  A 1 9  ? 3.744   -3.069  -0.034  1.00 12.58 ? 9  DG  A O6    1 
ATOM   183 N N1    . DG  A 1 9  ? 2.539   -4.927  -0.666  1.00 12.88 ? 9  DG  A N1    1 
ATOM   184 C C2    . DG  A 1 9  ? 2.103   -6.231  -0.473  1.00 13.58 ? 9  DG  A C2    1 
ATOM   185 N N2    . DG  A 1 9  ? 1.285   -6.775  -1.390  1.00 13.97 ? 9  DG  A N2    1 
ATOM   186 N N3    . DG  A 1 9  ? 2.469   -6.966  0.576   1.00 12.60 ? 9  DG  A N3    1 
ATOM   187 C C4    . DG  A 1 9  ? 3.303   -6.305  1.419   1.00 12.96 ? 9  DG  A C4    1 
ATOM   188 P P     . DG  A 1 10 ? 1.757   -10.238 5.976   1.00 15.79 ? 10 DG  A P     1 
ATOM   189 O OP1   . DG  A 1 10 ? 2.320   -11.132 7.029   1.00 18.92 ? 10 DG  A OP1   1 
ATOM   190 O OP2   . DG  A 1 10 ? 0.341   -10.349 5.588   1.00 16.28 ? 10 DG  A OP2   1 
ATOM   191 O "O5'" . DG  A 1 10 ? 2.052   -8.744  6.457   1.00 17.81 ? 10 DG  A "O5'" 1 
ATOM   192 C "C5'" . DG  A 1 10 ? 3.333   -8.340  6.944   1.00 16.63 ? 10 DG  A "C5'" 1 
ATOM   193 C "C4'" . DG  A 1 10 ? 3.353   -6.825  7.093   1.00 17.94 ? 10 DG  A "C4'" 1 
ATOM   194 O "O4'" . DG  A 1 10 ? 3.165   -6.185  5.802   1.00 16.51 ? 10 DG  A "O4'" 1 
ATOM   195 C "C3'" . DG  A 1 10 ? 2.273   -6.235  8.000   1.00 19.82 ? 10 DG  A "C3'" 1 
ATOM   196 O "O3'" . DG  A 1 10 ? 2.960   -5.336  8.833   1.00 24.03 ? 10 DG  A "O3'" 1 
ATOM   197 C "C2'" . DG  A 1 10 ? 1.326   -5.518  7.026   1.00 18.13 ? 10 DG  A "C2'" 1 
ATOM   198 C "C1'" . DG  A 1 10 ? 2.345   -5.042  5.993   1.00 15.57 ? 10 DG  A "C1'" 1 
ATOM   199 N N9    . DG  A 1 10 ? 1.799   -4.549  4.722   1.00 14.44 ? 10 DG  A N9    1 
ATOM   200 C C8    . DG  A 1 10 ? 0.934   -5.198  3.879   1.00 11.84 ? 10 DG  A C8    1 
ATOM   201 N N7    . DG  A 1 10 ? 0.626   -4.496  2.815   1.00 13.28 ? 10 DG  A N7    1 
ATOM   202 C C5    . DG  A 1 10 ? 1.319   -3.309  2.971   1.00 12.89 ? 10 DG  A C5    1 
ATOM   203 C C6    . DG  A 1 10 ? 1.380   -2.167  2.139   1.00 13.62 ? 10 DG  A C6    1 
ATOM   204 O O6    . DG  A 1 10 ? 0.790   -1.983  1.065   1.00 14.05 ? 10 DG  A O6    1 
ATOM   205 N N1    . DG  A 1 10 ? 2.204   -1.155  2.636   1.00 13.68 ? 10 DG  A N1    1 
ATOM   206 C C2    . DG  A 1 10 ? 2.894   -1.237  3.823   1.00 13.54 ? 10 DG  A C2    1 
ATOM   207 N N2    . DG  A 1 10 ? 3.643   -0.169  4.161   1.00 12.18 ? 10 DG  A N2    1 
ATOM   208 N N3    . DG  A 1 10 ? 2.851   -2.310  4.605   1.00 13.46 ? 10 DG  A N3    1 
ATOM   209 C C4    . DG  A 1 10 ? 2.050   -3.311  4.133   1.00 13.69 ? 10 DG  A C4    1 
ATOM   210 P P     . DG  A 1 11 ? 2.293   -4.584  10.074  1.00 26.35 ? 11 DG  A P     1 
ATOM   211 O OP1   . DG  A 1 11 ? 2.902   -5.084  11.321  1.00 29.94 ? 11 DG  A OP1   1 
ATOM   212 O OP2   . DG  A 1 11 ? 0.817   -4.497  9.953   1.00 29.89 ? 11 DG  A OP2   1 
ATOM   213 O "O5'" . DG  A 1 11 ? 2.877   -3.159  9.779   1.00 27.16 ? 11 DG  A "O5'" 1 
ATOM   214 C "C5'" . DG  A 1 11 ? 2.299   -2.321  8.785   1.00 22.06 ? 11 DG  A "C5'" 1 
ATOM   215 C "C4'" . DG  A 1 11 ? 2.691   -0.959  9.305   1.00 17.93 ? 11 DG  A "C4'" 1 
ATOM   216 O "O4'" . DG  A 1 11 ? 2.914   0.010   8.256   1.00 16.44 ? 11 DG  A "O4'" 1 
ATOM   217 C "C3'" . DG  A 1 11 ? 1.672   -0.376  10.276  1.00 16.89 ? 11 DG  A "C3'" 1 
ATOM   218 O "O3'" . DG  A 1 11 ? 2.430   0.259   11.298  1.00 15.06 ? 11 DG  A "O3'" 1 
ATOM   219 C "C2'" . DG  A 1 11 ? 0.930   0.622   9.400   1.00 13.71 ? 11 DG  A "C2'" 1 
ATOM   220 C "C1'" . DG  A 1 11 ? 2.008   1.081   8.421   1.00 15.54 ? 11 DG  A "C1'" 1 
ATOM   221 N N9    . DG  A 1 11 ? 1.514   1.402   7.083   1.00 13.81 ? 11 DG  A N9    1 
ATOM   222 C C8    . DG  A 1 11 ? 1.794   2.553   6.401   1.00 12.31 ? 11 DG  A C8    1 
ATOM   223 N N7    . DG  A 1 11 ? 1.252   2.585   5.219   1.00 14.71 ? 11 DG  A N7    1 
ATOM   224 C C5    . DG  A 1 11 ? 0.582   1.383   5.101   1.00 14.37 ? 11 DG  A C5    1 
ATOM   225 C C6    . DG  A 1 11 ? -0.186  0.883   4.034   1.00 14.96 ? 11 DG  A C6    1 
ATOM   226 O O6    . DG  A 1 11 ? -0.420  1.446   2.956   1.00 17.55 ? 11 DG  A O6    1 
ATOM   227 N N1    . DG  A 1 11 ? -0.725  -0.381  4.284   1.00 15.11 ? 11 DG  A N1    1 
ATOM   228 C C2    . DG  A 1 11 ? -0.523  -1.081  5.457   1.00 13.75 ? 11 DG  A C2    1 
ATOM   229 N N2    . DG  A 1 11 ? -1.106  -2.285  5.532   1.00 11.64 ? 11 DG  A N2    1 
ATOM   230 N N3    . DG  A 1 11 ? 0.206   -0.618  6.473   1.00 14.08 ? 11 DG  A N3    1 
ATOM   231 C C4    . DG  A 1 11 ? 0.734   0.618   6.239   1.00 14.58 ? 11 DG  A C4    1 
ATOM   232 P P     . DG  A 1 12 ? 1.735   0.944   12.565  1.00 16.77 ? 12 DG  A P     1 
ATOM   233 O OP1   . DG  A 1 12 ? 2.809   1.273   13.531  1.00 17.14 ? 12 DG  A OP1   1 
ATOM   234 O OP2   . DG  A 1 12 ? 0.529   0.157   12.889  1.00 15.26 ? 12 DG  A OP2   1 
ATOM   235 O "O5'" . DG  A 1 12 ? 1.239   2.377   11.991  1.00 13.59 ? 12 DG  A "O5'" 1 
ATOM   236 C "C5'" . DG  A 1 12 ? 2.143   3.380   11.531  1.00 12.36 ? 12 DG  A "C5'" 1 
ATOM   237 C "C4'" . DG  A 1 12 ? 1.416   4.555   10.890  1.00 10.94 ? 12 DG  A "C4'" 1 
ATOM   238 O "O4'" . DG  A 1 12 ? 0.844   4.148   9.619   1.00 11.90 ? 12 DG  A "O4'" 1 
ATOM   239 C "C3'" . DG  A 1 12 ? 0.254   5.165   11.684  1.00 13.16 ? 12 DG  A "C3'" 1 
ATOM   240 O "O3'" . DG  A 1 12 ? 0.407   6.581   11.689  1.00 15.93 ? 12 DG  A "O3'" 1 
ATOM   241 C "C2'" . DG  A 1 12 ? -0.995  4.784   10.885  1.00 12.95 ? 12 DG  A "C2'" 1 
ATOM   242 C "C1'" . DG  A 1 12 ? -0.402  4.766   9.476   1.00 10.84 ? 12 DG  A "C1'" 1 
ATOM   243 N N9    . DG  A 1 12 ? -1.113  3.977   8.468   1.00 12.22 ? 12 DG  A N9    1 
ATOM   244 C C8    . DG  A 1 12 ? -1.644  2.709   8.605   1.00 12.06 ? 12 DG  A C8    1 
ATOM   245 N N7    . DG  A 1 12 ? -2.234  2.278   7.524   1.00 12.04 ? 12 DG  A N7    1 
ATOM   246 C C5    . DG  A 1 12 ? -2.057  3.311   6.630   1.00 11.77 ? 12 DG  A C5    1 
ATOM   247 C C6    . DG  A 1 12 ? -2.469  3.401   5.300   1.00 10.58 ? 12 DG  A C6    1 
ATOM   248 O O6    . DG  A 1 12 ? -3.079  2.513   4.692   1.00 11.64 ? 12 DG  A O6    1 
ATOM   249 N N1    . DG  A 1 12 ? -2.132  4.613   4.684   1.00 11.09 ? 12 DG  A N1    1 
ATOM   250 C C2    . DG  A 1 12 ? -1.458  5.629   5.311   1.00 9.89  ? 12 DG  A C2    1 
ATOM   251 N N2    . DG  A 1 12 ? -1.198  6.728   4.589   1.00 11.61 ? 12 DG  A N2    1 
ATOM   252 N N3    . DG  A 1 12 ? -1.047  5.556   6.575   1.00 12.34 ? 12 DG  A N3    1 
ATOM   253 C C4    . DG  A 1 12 ? -1.366  4.366   7.175   1.00 12.08 ? 12 DG  A C4    1 
ATOM   254 O "O5'" . DG  B 1 1  ? 8.872   -0.687  4.804   1.00 18.62 ? 13 DG  B "O5'" 1 
ATOM   255 C "C5'" . DG  B 1 1  ? 10.174  -0.102  4.975   1.00 16.32 ? 13 DG  B "C5'" 1 
ATOM   256 C "C4'" . DG  B 1 1  ? 10.187  1.346   4.531   1.00 14.15 ? 13 DG  B "C4'" 1 
ATOM   257 O "O4'" . DG  B 1 1  ? 9.826   1.359   3.129   1.00 16.25 ? 13 DG  B "O4'" 1 
ATOM   258 C "C3'" . DG  B 1 1  ? 9.221   2.293   5.247   1.00 13.68 ? 13 DG  B "C3'" 1 
ATOM   259 O "O3'" . DG  B 1 1  ? 9.798   3.611   5.370   1.00 12.10 ? 13 DG  B "O3'" 1 
ATOM   260 C "C2'" . DG  B 1 1  ? 8.048   2.335   4.272   1.00 13.67 ? 13 DG  B "C2'" 1 
ATOM   261 C "C1'" . DG  B 1 1  ? 8.776   2.294   2.925   1.00 13.64 ? 13 DG  B "C1'" 1 
ATOM   262 N N9    . DG  B 1 1  ? 7.875   1.940   1.817   1.00 13.90 ? 13 DG  B N9    1 
ATOM   263 C C8    . DG  B 1 1  ? 7.605   2.732   0.732   1.00 11.77 ? 13 DG  B C8    1 
ATOM   264 N N7    . DG  B 1 1  ? 6.737   2.200   -0.092  1.00 12.54 ? 13 DG  B N7    1 
ATOM   265 C C5    . DG  B 1 1  ? 6.400   0.981   0.474   1.00 11.26 ? 13 DG  B C5    1 
ATOM   266 C C6    . DG  B 1 1  ? 5.502   -0.025  0.038   1.00 9.83  ? 13 DG  B C6    1 
ATOM   267 O O6    . DG  B 1 1  ? 4.812   -0.033  -0.992  1.00 11.58 ? 13 DG  B O6    1 
ATOM   268 N N1    . DG  B 1 1  ? 5.437   -1.121  0.909   1.00 12.44 ? 13 DG  B N1    1 
ATOM   269 C C2    . DG  B 1 1  ? 6.170   -1.205  2.075   1.00 12.17 ? 13 DG  B C2    1 
ATOM   270 N N2    . DG  B 1 1  ? 6.022   -2.312  2.826   1.00 12.13 ? 13 DG  B N2    1 
ATOM   271 N N3    . DG  B 1 1  ? 6.999   -0.252  2.484   1.00 12.53 ? 13 DG  B N3    1 
ATOM   272 C C4    . DG  B 1 1  ? 7.087   0.807   1.652   1.00 12.27 ? 13 DG  B C4    1 
ATOM   273 P P     . DG  B 1 2  ? 9.140   4.776   6.252   1.00 14.50 ? 14 DG  B P     1 
ATOM   274 O OP1   . DG  B 1 2  ? 10.209  5.772   6.453   1.00 14.46 ? 14 DG  B OP1   1 
ATOM   275 O OP2   . DG  B 1 2  ? 8.377   4.192   7.360   1.00 14.16 ? 14 DG  B OP2   1 
ATOM   276 O "O5'" . DG  B 1 2  ? 8.071   5.471   5.290   1.00 13.30 ? 14 DG  B "O5'" 1 
ATOM   277 C "C5'" . DG  B 1 2  ? 8.568   6.096   4.127   1.00 13.40 ? 14 DG  B "C5'" 1 
ATOM   278 C "C4'" . DG  B 1 2  ? 7.413   6.505   3.252   1.00 11.63 ? 14 DG  B "C4'" 1 
ATOM   279 O "O4'" . DG  B 1 2  ? 6.837   5.331   2.601   1.00 11.19 ? 14 DG  B "O4'" 1 
ATOM   280 C "C3'" . DG  B 1 2  ? 6.276   7.185   3.997   1.00 12.09 ? 14 DG  B "C3'" 1 
ATOM   281 O "O3'" . DG  B 1 2  ? 5.980   8.349   3.226   1.00 13.60 ? 14 DG  B "O3'" 1 
ATOM   282 C "C2'" . DG  B 1 2  ? 5.141   6.162   3.929   1.00 11.56 ? 14 DG  B "C2'" 1 
ATOM   283 C "C1'" . DG  B 1 2  ? 5.442   5.511   2.582   1.00 10.95 ? 14 DG  B "C1'" 1 
ATOM   284 N N9    . DG  B 1 2  ? 4.742   4.242   2.357   1.00 10.61 ? 14 DG  B N9    1 
ATOM   285 C C8    . DG  B 1 2  ? 4.706   3.157   3.200   1.00 9.75  ? 14 DG  B C8    1 
ATOM   286 N N7    . DG  B 1 2  ? 3.971   2.182   2.743   1.00 7.21  ? 14 DG  B N7    1 
ATOM   287 C C5    . DG  B 1 2  ? 3.533   2.664   1.521   1.00 9.71  ? 14 DG  B C5    1 
ATOM   288 C C6    . DG  B 1 2  ? 2.713   2.042   0.580   1.00 9.99  ? 14 DG  B C6    1 
ATOM   289 O O6    . DG  B 1 2  ? 2.227   0.891   0.681   1.00 10.16 ? 14 DG  B O6    1 
ATOM   290 N N1    . DG  B 1 2  ? 2.463   2.861   -0.536  1.00 8.52  ? 14 DG  B N1    1 
ATOM   291 C C2    . DG  B 1 2  ? 2.963   4.127   -0.701  1.00 9.58  ? 14 DG  B C2    1 
ATOM   292 N N2    . DG  B 1 2  ? 2.638   4.791   -1.823  1.00 10.26 ? 14 DG  B N2    1 
ATOM   293 N N3    . DG  B 1 2  ? 3.750   4.711   0.184   1.00 10.07 ? 14 DG  B N3    1 
ATOM   294 C C4    . DG  B 1 2  ? 3.980   3.929   1.268   1.00 8.50  ? 14 DG  B C4    1 
ATOM   295 P P     . DG  B 1 3  ? 5.019   9.541   3.675   1.00 14.00 ? 15 DG  B P     1 
ATOM   296 O OP1   . DG  B 1 3  ? 5.844   10.720  4.013   1.00 14.29 ? 15 DG  B OP1   1 
ATOM   297 O OP2   . DG  B 1 3  ? 3.950   9.108   4.601   1.00 14.45 ? 15 DG  B OP2   1 
ATOM   298 O "O5'" . DG  B 1 3  ? 4.328   9.840   2.288   1.00 12.67 ? 15 DG  B "O5'" 1 
ATOM   299 C "C5'" . DG  B 1 3  ? 3.551   8.855   1.608   1.00 13.22 ? 15 DG  B "C5'" 1 
ATOM   300 C "C4'" . DG  B 1 3  ? 2.749   9.570   0.545   1.00 12.64 ? 15 DG  B "C4'" 1 
ATOM   301 O "O4'" . DG  B 1 3  ? 2.089   8.607   -0.315  1.00 12.74 ? 15 DG  B "O4'" 1 
ATOM   302 C "C3'" . DG  B 1 3  ? 1.626   10.456  1.066   1.00 13.99 ? 15 DG  B "C3'" 1 
ATOM   303 O "O3'" . DG  B 1 3  ? 1.371   11.474  0.108   1.00 14.88 ? 15 DG  B "O3'" 1 
ATOM   304 C "C2'" . DG  B 1 3  ? 0.450   9.493   1.122   1.00 12.80 ? 15 DG  B "C2'" 1 
ATOM   305 C "C1'" . DG  B 1 3  ? 0.678   8.762   -0.195  1.00 11.20 ? 15 DG  B "C1'" 1 
ATOM   306 N N9    . DG  B 1 3  ? 0.111   7.417   -0.319  1.00 10.73 ? 15 DG  B N9    1 
ATOM   307 C C8    . DG  B 1 3  ? -0.622  6.965   -1.386  1.00 9.30  ? 15 DG  B C8    1 
ATOM   308 N N7    . DG  B 1 3  ? -0.976  5.713   -1.241  1.00 12.43 ? 15 DG  B N7    1 
ATOM   309 C C5    . DG  B 1 3  ? -0.433  5.324   -0.016  1.00 9.34  ? 15 DG  B C5    1 
ATOM   310 C C6    . DG  B 1 3  ? -0.474  4.079   0.653   1.00 9.83  ? 15 DG  B C6    1 
ATOM   311 O O6    . DG  B 1 3  ? -1.039  3.043   0.284   1.00 10.52 ? 15 DG  B O6    1 
ATOM   312 N N1    . DG  B 1 3  ? 0.192   4.071   1.874   1.00 9.41  ? 15 DG  B N1    1 
ATOM   313 C C2    . DG  B 1 3  ? 0.850   5.172   2.399   1.00 9.84  ? 15 DG  B C2    1 
ATOM   314 N N2    . DG  B 1 3  ? 1.462   5.005   3.593   1.00 11.00 ? 15 DG  B N2    1 
ATOM   315 N N3    . DG  B 1 3  ? 0.904   6.349   1.773   1.00 10.37 ? 15 DG  B N3    1 
ATOM   316 C C4    . DG  B 1 3  ? 0.230   6.364   0.577   1.00 9.23  ? 15 DG  B C4    1 
ATOM   317 P P     . DG  B 1 4  ? 0.522   12.760  0.474   1.00 15.12 ? 16 DG  B P     1 
ATOM   318 O OP1   . DG  B 1 4  ? 0.977   13.838  -0.436  1.00 16.92 ? 16 DG  B OP1   1 
ATOM   319 O OP2   . DG  B 1 4  ? 0.434   12.963  1.928   1.00 15.69 ? 16 DG  B OP2   1 
ATOM   320 O "O5'" . DG  B 1 4  ? -0.954  12.363  0.029   1.00 15.94 ? 16 DG  B "O5'" 1 
ATOM   321 C "C5'" . DG  B 1 4  ? -1.276  12.250  -1.350  1.00 14.36 ? 16 DG  B "C5'" 1 
ATOM   322 C "C4'" . DG  B 1 4  ? -2.625  11.568  -1.528  1.00 15.28 ? 16 DG  B "C4'" 1 
ATOM   323 O "O4'" . DG  B 1 4  ? -2.512  10.202  -1.089  1.00 13.97 ? 16 DG  B "O4'" 1 
ATOM   324 C "C3'" . DG  B 1 4  ? -3.812  12.153  -0.758  1.00 15.67 ? 16 DG  B "C3'" 1 
ATOM   325 O "O3'" . DG  B 1 4  ? -4.950  12.231  -1.645  1.00 18.24 ? 16 DG  B "O3'" 1 
ATOM   326 C "C2'" . DG  B 1 4  ? -4.019  11.189  0.405   1.00 14.80 ? 16 DG  B "C2'" 1 
ATOM   327 C "C1'" . DG  B 1 4  ? -3.666  9.898   -0.326  1.00 13.19 ? 16 DG  B "C1'" 1 
ATOM   328 N N9    . DG  B 1 4  ? -3.447  8.742   0.540   1.00 11.79 ? 16 DG  B N9    1 
ATOM   329 C C8    . DG  B 1 4  ? -2.878  8.686   1.803   1.00 12.31 ? 16 DG  B C8    1 
ATOM   330 N N7    . DG  B 1 4  ? -2.838  7.487   2.305   1.00 12.32 ? 16 DG  B N7    1 
ATOM   331 C C5    . DG  B 1 4  ? -3.421  6.700   1.318   1.00 11.67 ? 16 DG  B C5    1 
ATOM   332 C C6    . DG  B 1 4  ? -3.692  5.317   1.271   1.00 12.06 ? 16 DG  B C6    1 
ATOM   333 O O6    . DG  B 1 4  ? -3.440  4.431   2.117   1.00 12.89 ? 16 DG  B O6    1 
ATOM   334 N N1    . DG  B 1 4  ? -4.303  4.933   0.085   1.00 11.50 ? 16 DG  B N1    1 
ATOM   335 C C2    . DG  B 1 4  ? -4.647  5.767   -0.946  1.00 11.22 ? 16 DG  B C2    1 
ATOM   336 N N2    . DG  B 1 4  ? -5.243  5.185   -1.979  1.00 10.50 ? 16 DG  B N2    1 
ATOM   337 N N3    . DG  B 1 4  ? -4.422  7.071   -0.921  1.00 11.30 ? 16 DG  B N3    1 
ATOM   338 C C4    . DG  B 1 4  ? -3.813  7.462   0.234   1.00 12.09 ? 16 DG  B C4    1 
ATOM   339 P P     . DT  B 1 5  ? -6.368  12.835  -1.185  1.00 18.95 ? 17 DT  B P     1 
ATOM   340 O OP1   . DT  B 1 5  ? -7.003  13.312  -2.430  1.00 20.56 ? 17 DT  B OP1   1 
ATOM   341 O OP2   . DT  B 1 5  ? -6.193  13.727  -0.012  1.00 18.27 ? 17 DT  B OP2   1 
ATOM   342 O "O5'" . DT  B 1 5  ? -7.194  11.573  -0.674  1.00 19.06 ? 17 DT  B "O5'" 1 
ATOM   343 C "C5'" . DT  B 1 5  ? -7.320  10.421  -1.482  1.00 15.12 ? 17 DT  B "C5'" 1 
ATOM   344 C "C4'" . DT  B 1 5  ? -7.771  9.274   -0.616  1.00 13.58 ? 17 DT  B "C4'" 1 
ATOM   345 O "O4'" . DT  B 1 5  ? -6.752  8.987   0.349   1.00 14.32 ? 17 DT  B "O4'" 1 
ATOM   346 C "C3'" . DT  B 1 5  ? -8.959  9.523   0.281   1.00 13.82 ? 17 DT  B "C3'" 1 
ATOM   347 O "O3'" . DT  B 1 5  ? -10.145 9.253   -0.476  1.00 14.58 ? 17 DT  B "O3'" 1 
ATOM   348 C "C2'" . DT  B 1 5  ? -8.762  8.473   1.363   1.00 12.14 ? 17 DT  B "C2'" 1 
ATOM   349 C "C1'" . DT  B 1 5  ? -7.311  8.049   1.223   1.00 13.58 ? 17 DT  B "C1'" 1 
ATOM   350 N N1    . DT  B 1 5  ? -6.543  8.096   2.475   1.00 13.83 ? 17 DT  B N1    1 
ATOM   351 C C2    . DT  B 1 5  ? -6.226  6.910   3.127   1.00 14.42 ? 17 DT  B C2    1 
ATOM   352 O O2    . DT  B 1 5  ? -6.554  5.785   2.749   1.00 14.66 ? 17 DT  B O2    1 
ATOM   353 N N3    . DT  B 1 5  ? -5.497  7.076   4.281   1.00 14.17 ? 17 DT  B N3    1 
ATOM   354 C C4    . DT  B 1 5  ? -5.059  8.263   4.818   1.00 14.13 ? 17 DT  B C4    1 
ATOM   355 O O4    . DT  B 1 5  ? -4.417  8.304   5.853   1.00 17.05 ? 17 DT  B O4    1 
ATOM   356 C C5    . DT  B 1 5  ? -5.414  9.460   4.096   1.00 15.03 ? 17 DT  B C5    1 
ATOM   357 C C7    . DT  B 1 5  ? -4.958  10.787  4.626   1.00 15.89 ? 17 DT  B C7    1 
ATOM   358 C C6    . DT  B 1 5  ? -6.120  9.328   2.962   1.00 14.09 ? 17 DT  B C6    1 
ATOM   359 P P     . DT  B 1 6  ? -11.597 9.319   0.173   1.00 15.75 ? 18 DT  B P     1 
ATOM   360 O OP1   . DT  B 1 6  ? -12.552 9.456   -0.949  1.00 15.71 ? 18 DT  B OP1   1 
ATOM   361 O OP2   . DT  B 1 6  ? -11.597 10.269  1.298   1.00 13.63 ? 18 DT  B OP2   1 
ATOM   362 O "O5'" . DT  B 1 6  ? -11.813 7.928   0.897   1.00 14.96 ? 18 DT  B "O5'" 1 
ATOM   363 C "C5'" . DT  B 1 6  ? -11.859 6.682   0.225   1.00 14.64 ? 18 DT  B "C5'" 1 
ATOM   364 C "C4'" . DT  B 1 6  ? -11.983 5.583   1.268   1.00 12.59 ? 18 DT  B "C4'" 1 
ATOM   365 O "O4'" . DT  B 1 6  ? -10.873 5.648   2.195   1.00 10.86 ? 18 DT  B "O4'" 1 
ATOM   366 C "C3'" . DT  B 1 6  ? -13.242 5.620   2.137   1.00 13.41 ? 18 DT  B "C3'" 1 
ATOM   367 O "O3'" . DT  B 1 6  ? -13.667 4.291   2.413   1.00 15.44 ? 18 DT  B "O3'" 1 
ATOM   368 C "C2'" . DT  B 1 6  ? -12.753 6.264   3.444   1.00 10.77 ? 18 DT  B "C2'" 1 
ATOM   369 C "C1'" . DT  B 1 6  ? -11.393 5.581   3.516   1.00 10.59 ? 18 DT  B "C1'" 1 
ATOM   370 N N1    . DT  B 1 6  ? -10.419 6.260   4.385   1.00 11.46 ? 18 DT  B N1    1 
ATOM   371 C C2    . DT  B 1 6  ? -9.577  5.492   5.166   1.00 13.97 ? 18 DT  B C2    1 
ATOM   372 O O2    . DT  B 1 6  ? -9.570  4.264   5.197   1.00 15.32 ? 18 DT  B O2    1 
ATOM   373 N N3    . DT  B 1 6  ? -8.710  6.221   5.921   1.00 13.58 ? 18 DT  B N3    1 
ATOM   374 C C4    . DT  B 1 6  ? -8.590  7.590   5.985   1.00 14.04 ? 18 DT  B C4    1 
ATOM   375 O O4    . DT  B 1 6  ? -7.753  8.087   6.726   1.00 16.50 ? 18 DT  B O4    1 
ATOM   376 C C5    . DT  B 1 6  ? -9.500  8.353   5.143   1.00 12.98 ? 18 DT  B C5    1 
ATOM   377 C C7    . DT  B 1 6  ? -9.486  9.851   5.122   1.00 15.29 ? 18 DT  B C7    1 
ATOM   378 C C6    . DT  B 1 6  ? -10.367 7.652   4.397   1.00 12.76 ? 18 DT  B C6    1 
ATOM   379 P P     . DT  B 1 7  ? -14.174 3.222   1.331   1.00 15.27 ? 19 DT  B P     1 
ATOM   380 O OP1   . DT  B 1 7  ? -14.107 3.743   -0.041  1.00 16.39 ? 19 DT  B OP1   1 
ATOM   381 O OP2   . DT  B 1 7  ? -15.438 2.652   1.859   1.00 17.52 ? 19 DT  B OP2   1 
ATOM   382 O "O5'" . DT  B 1 7  ? -13.031 2.136   1.425   1.00 12.53 ? 19 DT  B "O5'" 1 
ATOM   383 C "C5'" . DT  B 1 7  ? -13.168 0.868   0.846   1.00 12.23 ? 19 DT  B "C5'" 1 
ATOM   384 C "C4'" . DT  B 1 7  ? -12.128 -0.033  1.486   1.00 13.10 ? 19 DT  B "C4'" 1 
ATOM   385 O "O4'" . DT  B 1 7  ? -10.874 0.252   0.824   1.00 12.15 ? 19 DT  B "O4'" 1 
ATOM   386 C "C3'" . DT  B 1 7  ? -11.828 0.148   2.974   1.00 12.91 ? 19 DT  B "C3'" 1 
ATOM   387 O "O3'" . DT  B 1 7  ? -11.226 -1.040  3.430   1.00 14.64 ? 19 DT  B "O3'" 1 
ATOM   388 C "C2'" . DT  B 1 7  ? -10.798 1.269   2.985   1.00 11.65 ? 19 DT  B "C2'" 1 
ATOM   389 C "C1'" . DT  B 1 7  ? -10.011 0.990   1.701   1.00 11.19 ? 19 DT  B "C1'" 1 
ATOM   390 N N1    . DT  B 1 7  ? -9.563  2.252   1.032   1.00 10.83 ? 19 DT  B N1    1 
ATOM   391 C C2    . DT  B 1 7  ? -8.616  3.040   1.641   1.00 8.74  ? 19 DT  B C2    1 
ATOM   392 O O2    . DT  B 1 7  ? -8.098  2.757   2.703   1.00 13.17 ? 19 DT  B O2    1 
ATOM   393 N N3    . DT  B 1 7  ? -8.277  4.187   0.975   1.00 10.28 ? 19 DT  B N3    1 
ATOM   394 C C4    . DT  B 1 7  ? -8.810  4.634   -0.219  1.00 12.17 ? 19 DT  B C4    1 
ATOM   395 O O4    . DT  B 1 7  ? -8.450  5.683   -0.731  1.00 12.92 ? 19 DT  B O4    1 
ATOM   396 C C5    . DT  B 1 7  ? -9.803  3.773   -0.822  1.00 11.64 ? 19 DT  B C5    1 
ATOM   397 C C7    . DT  B 1 7  ? -10.455 4.130   -2.131  1.00 12.60 ? 19 DT  B C7    1 
ATOM   398 C C6    . DT  B 1 7  ? -10.133 2.657   -0.162  1.00 11.06 ? 19 DT  B C6    1 
ATOM   399 P P     . DT  B 1 8  ? -11.500 -1.773  4.825   1.00 16.55 ? 20 DT  B P     1 
ATOM   400 O OP1   . DT  B 1 8  ? -11.002 -3.153  4.624   1.00 15.67 ? 20 DT  B OP1   1 
ATOM   401 O OP2   . DT  B 1 8  ? -12.884 -1.531  5.316   1.00 17.68 ? 20 DT  B OP2   1 
ATOM   402 O "O5'" . DT  B 1 8  ? -10.488 -1.019  5.802   1.00 16.21 ? 20 DT  B "O5'" 1 
ATOM   403 C "C5'" . DT  B 1 8  ? -9.077  -1.195  5.750   1.00 14.88 ? 20 DT  B "C5'" 1 
ATOM   404 C "C4'" . DT  B 1 8  ? -8.458  -0.438  6.904   1.00 15.05 ? 20 DT  B "C4'" 1 
ATOM   405 O "O4'" . DT  B 1 8  ? -8.920  0.916   6.812   1.00 13.78 ? 20 DT  B "O4'" 1 
ATOM   406 C "C3'" . DT  B 1 8  ? -8.842  -0.910  8.307   1.00 15.65 ? 20 DT  B "C3'" 1 
ATOM   407 O "O3'" . DT  B 1 8  ? -7.717  -0.805  9.177   1.00 15.60 ? 20 DT  B "O3'" 1 
ATOM   408 C "C2'" . DT  B 1 8  ? -9.960  0.047   8.716   1.00 13.62 ? 20 DT  B "C2'" 1 
ATOM   409 C "C1'" . DT  B 1 8  ? -9.519  1.324   8.018   1.00 14.41 ? 20 DT  B "C1'" 1 
ATOM   410 N N1    . DT  B 1 8  ? -10.603 2.277   7.614   1.00 14.21 ? 20 DT  B N1    1 
ATOM   411 C C2    . DT  B 1 8  ? -10.515 3.572   8.074   1.00 13.40 ? 20 DT  B C2    1 
ATOM   412 O O2    . DT  B 1 8  ? -9.615  3.932   8.800   1.00 13.70 ? 20 DT  B O2    1 
ATOM   413 N N3    . DT  B 1 8  ? -11.530 4.422   7.674   1.00 13.88 ? 20 DT  B N3    1 
ATOM   414 C C4    . DT  B 1 8  ? -12.595 4.099   6.853   1.00 14.16 ? 20 DT  B C4    1 
ATOM   415 O O4    . DT  B 1 8  ? -13.441 4.949   6.549   1.00 15.93 ? 20 DT  B O4    1 
ATOM   416 C C5    . DT  B 1 8  ? -12.625 2.719   6.390   1.00 14.88 ? 20 DT  B C5    1 
ATOM   417 C C7    . DT  B 1 8  ? -13.734 2.230   5.498   1.00 13.01 ? 20 DT  B C7    1 
ATOM   418 C C6    . DT  B 1 8  ? -11.641 1.889   6.786   1.00 13.74 ? 20 DT  B C6    1 
ATOM   419 P P     . DG  B 1 9  ? -7.691  -1.619  10.553  1.00 17.13 ? 21 DG  B P     1 
ATOM   420 O OP1   . DG  B 1 9  ? -9.011  -1.476  11.204  1.00 18.26 ? 21 DG  B OP1   1 
ATOM   421 O OP2   . DG  B 1 9  ? -6.454  -1.175  11.250  1.00 17.05 ? 21 DG  B OP2   1 
ATOM   422 O "O5'" . DG  B 1 9  ? -7.506  -3.157  10.174  1.00 17.36 ? 21 DG  B "O5'" 1 
ATOM   423 C "C5'" . DG  B 1 9  ? -6.305  -3.670  9.624   1.00 16.44 ? 21 DG  B "C5'" 1 
ATOM   424 C "C4'" . DG  B 1 9  ? -6.715  -4.760  8.652   1.00 16.06 ? 21 DG  B "C4'" 1 
ATOM   425 O "O4'" . DG  B 1 9  ? -7.250  -4.170  7.433   1.00 14.58 ? 21 DG  B "O4'" 1 
ATOM   426 C "C3'" . DG  B 1 9  ? -5.603  -5.704  8.225   1.00 15.43 ? 21 DG  B "C3'" 1 
ATOM   427 O "O3'" . DG  B 1 9  ? -6.185  -6.970  7.998   1.00 18.40 ? 21 DG  B "O3'" 1 
ATOM   428 C "C2'" . DG  B 1 9  ? -5.126  -5.075  6.922   1.00 14.42 ? 21 DG  B "C2'" 1 
ATOM   429 C "C1'" . DG  B 1 9  ? -6.460  -4.600  6.343   1.00 12.58 ? 21 DG  B "C1'" 1 
ATOM   430 N N9    . DG  B 1 9  ? -6.320  -3.488  5.420   1.00 13.46 ? 21 DG  B N9    1 
ATOM   431 C C8    . DG  B 1 9  ? -6.891  -3.401  4.175   1.00 12.57 ? 21 DG  B C8    1 
ATOM   432 N N7    . DG  B 1 9  ? -6.590  -2.300  3.544   1.00 10.91 ? 21 DG  B N7    1 
ATOM   433 C C5    . DG  B 1 9  ? -5.774  -1.623  4.432   1.00 10.91 ? 21 DG  B C5    1 
ATOM   434 C C6    . DG  B 1 9  ? -5.153  -0.364  4.296   1.00 13.36 ? 21 DG  B C6    1 
ATOM   435 O O6    . DG  B 1 9  ? -5.238  0.376   3.301   1.00 12.68 ? 21 DG  B O6    1 
ATOM   436 N N1    . DG  B 1 9  ? -4.385  0.006   5.400   1.00 11.15 ? 21 DG  B N1    1 
ATOM   437 C C2    . DG  B 1 9  ? -4.256  -0.764  6.533   1.00 12.15 ? 21 DG  B C2    1 
ATOM   438 N N2    . DG  B 1 9  ? -3.490  -0.283  7.536   1.00 10.56 ? 21 DG  B N2    1 
ATOM   439 N N3    . DG  B 1 9  ? -4.858  -1.944  6.673   1.00 13.13 ? 21 DG  B N3    1 
ATOM   440 C C4    . DG  B 1 9  ? -5.597  -2.317  5.596   1.00 11.48 ? 21 DG  B C4    1 
ATOM   441 P P     . DG  B 1 10 ? -5.337  -8.236  7.508   1.00 19.49 ? 22 DG  B P     1 
ATOM   442 O OP1   . DG  B 1 10 ? -6.107  -9.398  7.986   1.00 18.65 ? 22 DG  B OP1   1 
ATOM   443 O OP2   . DG  B 1 10 ? -3.941  -8.025  7.913   1.00 16.85 ? 22 DG  B OP2   1 
ATOM   444 O "O5'" . DG  B 1 10 ? -5.412  -8.242  5.905   1.00 18.80 ? 22 DG  B "O5'" 1 
ATOM   445 C "C5'" . DG  B 1 10 ? -6.656  -8.176  5.218   1.00 18.36 ? 22 DG  B "C5'" 1 
ATOM   446 C "C4'" . DG  B 1 10 ? -6.482  -7.731  3.765   1.00 17.18 ? 22 DG  B "C4'" 1 
ATOM   447 O "O4'" . DG  B 1 10 ? -6.073  -6.341  3.682   1.00 16.99 ? 22 DG  B "O4'" 1 
ATOM   448 C "C3'" . DG  B 1 10 ? -5.506  -8.523  2.872   1.00 18.20 ? 22 DG  B "C3'" 1 
ATOM   449 O "O3'" . DG  B 1 10 ? -6.205  -8.735  1.654   1.00 18.75 ? 22 DG  B "O3'" 1 
ATOM   450 C "C2'" . DG  B 1 10 ? -4.341  -7.554  2.689   1.00 16.99 ? 22 DG  B "C2'" 1 
ATOM   451 C "C1'" . DG  B 1 10 ? -5.130  -6.249  2.637   1.00 15.22 ? 22 DG  B "C1'" 1 
ATOM   452 N N9    . DG  B 1 10 ? -4.289  -5.064  2.760   1.00 14.09 ? 22 DG  B N9    1 
ATOM   453 C C8    . DG  B 1 10 ? -3.408  -4.732  3.765   1.00 12.47 ? 22 DG  B C8    1 
ATOM   454 N N7    . DG  B 1 10 ? -2.807  -3.599  3.564   1.00 12.27 ? 22 DG  B N7    1 
ATOM   455 C C5    . DG  B 1 10 ? -3.317  -3.156  2.347   1.00 11.82 ? 22 DG  B C5    1 
ATOM   456 C C6    . DG  B 1 10 ? -3.029  -2.002  1.601   1.00 11.08 ? 22 DG  B C6    1 
ATOM   457 O O6    . DG  B 1 10 ? -2.230  -1.095  1.885   1.00 12.35 ? 22 DG  B O6    1 
ATOM   458 N N1    . DG  B 1 10 ? -3.766  -1.925  0.415   1.00 10.48 ? 22 DG  B N1    1 
ATOM   459 C C2    . DG  B 1 10 ? -4.671  -2.879  -0.012  1.00 9.40  ? 22 DG  B C2    1 
ATOM   460 N N2    . DG  B 1 10 ? -5.276  -2.653  -1.190  1.00 11.65 ? 22 DG  B N2    1 
ATOM   461 N N3    . DG  B 1 10 ? -4.942  -3.981  0.676   1.00 11.89 ? 22 DG  B N3    1 
ATOM   462 C C4    . DG  B 1 10 ? -4.230  -4.052  1.835   1.00 12.96 ? 22 DG  B C4    1 
ATOM   463 P P     . DG  B 1 11 ? -5.772  -9.668  0.428   1.00 20.34 ? 23 DG  B P     1 
ATOM   464 O OP1   . DG  B 1 11 ? -6.959  -9.717  -0.457  1.00 20.68 ? 23 DG  B OP1   1 
ATOM   465 O OP2   . DG  B 1 11 ? -5.132  -10.888 0.957   1.00 20.35 ? 23 DG  B OP2   1 
ATOM   466 O "O5'" . DG  B 1 11 ? -4.658  -8.868  -0.393  1.00 18.84 ? 23 DG  B "O5'" 1 
ATOM   467 C "C5'" . DG  B 1 11 ? -4.890  -7.520  -0.860  1.00 16.52 ? 23 DG  B "C5'" 1 
ATOM   468 C "C4'" . DG  B 1 11 ? -5.230  -7.529  -2.340  1.00 14.24 ? 23 DG  B "C4'" 1 
ATOM   469 O "O4'" . DG  B 1 11 ? -5.157  -6.189  -2.896  1.00 13.48 ? 23 DG  B "O4'" 1 
ATOM   470 C "C3'" . DG  B 1 11 ? -4.303  -8.388  -3.201  1.00 14.99 ? 23 DG  B "C3'" 1 
ATOM   471 O "O3'" . DG  B 1 11 ? -5.083  -8.856  -4.288  1.00 13.63 ? 23 DG  B "O3'" 1 
ATOM   472 C "C2'" . DG  B 1 11 ? -3.234  -7.393  -3.641  1.00 13.54 ? 23 DG  B "C2'" 1 
ATOM   473 C "C1'" . DG  B 1 11 ? -4.037  -6.106  -3.785  1.00 13.17 ? 23 DG  B "C1'" 1 
ATOM   474 N N9    . DG  B 1 11 ? -3.253  -4.888  -3.538  1.00 12.09 ? 23 DG  B N9    1 
ATOM   475 C C8    . DG  B 1 11 ? -3.154  -3.813  -4.383  1.00 10.74 ? 23 DG  B C8    1 
ATOM   476 N N7    . DG  B 1 11 ? -2.394  -2.855  -3.936  1.00 10.23 ? 23 DG  B N7    1 
ATOM   477 C C5    . DG  B 1 11 ? -1.958  -3.330  -2.711  1.00 9.96  ? 23 DG  B C5    1 
ATOM   478 C C6    . DG  B 1 11 ? -1.118  -2.719  -1.755  1.00 9.17  ? 23 DG  B C6    1 
ATOM   479 O O6    . DG  B 1 11 ? -0.574  -1.613  -1.813  1.00 10.34 ? 23 DG  B O6    1 
ATOM   480 N N1    . DG  B 1 11 ? -0.890  -3.499  -0.631  1.00 9.01  ? 23 DG  B N1    1 
ATOM   481 C C2    . DG  B 1 11 ? -1.431  -4.746  -0.446  1.00 10.13 ? 23 DG  B C2    1 
ATOM   482 N N2    . DG  B 1 11 ? -1.103  -5.351  0.691   1.00 10.17 ? 23 DG  B N2    1 
ATOM   483 N N3    . DG  B 1 11 ? -2.245  -5.342  -1.318  1.00 11.21 ? 23 DG  B N3    1 
ATOM   484 C C4    . DG  B 1 11 ? -2.477  -4.574  -2.433  1.00 11.93 ? 23 DG  B C4    1 
ATOM   485 P P     . DG  B 1 12 ? -4.483  -9.688  -5.509  1.00 13.83 ? 24 DG  B P     1 
ATOM   486 O OP1   . DG  B 1 12 ? -5.654  -10.145 -6.292  1.00 12.82 ? 24 DG  B OP1   1 
ATOM   487 O OP2   . DG  B 1 12 ? -3.525  -10.649 -4.926  1.00 10.42 ? 24 DG  B OP2   1 
ATOM   488 O "O5'" . DG  B 1 12 ? -3.676  -8.641  -6.388  1.00 14.08 ? 24 DG  B "O5'" 1 
ATOM   489 C "C5'" . DG  B 1 12 ? -4.352  -7.735  -7.231  1.00 13.53 ? 24 DG  B "C5'" 1 
ATOM   490 C "C4'" . DG  B 1 12 ? -3.310  -6.864  -7.897  1.00 15.41 ? 24 DG  B "C4'" 1 
ATOM   491 O "O4'" . DG  B 1 12 ? -2.634  -6.104  -6.871  1.00 16.24 ? 24 DG  B "O4'" 1 
ATOM   492 C "C3'" . DG  B 1 12 ? -2.205  -7.610  -8.656  1.00 15.08 ? 24 DG  B "C3'" 1 
ATOM   493 O "O3'" . DG  B 1 12 ? -2.061  -7.066  -9.962  1.00 14.74 ? 24 DG  B "O3'" 1 
ATOM   494 C "C2'" . DG  B 1 12 ? -0.958  -7.381  -7.826  1.00 13.93 ? 24 DG  B "C2'" 1 
ATOM   495 C "C1'" . DG  B 1 12 ? -1.278  -6.014  -7.235  1.00 13.05 ? 24 DG  B "C1'" 1 
ATOM   496 N N9    . DG  B 1 12 ? -0.506  -5.612  -6.063  1.00 13.77 ? 24 DG  B N9    1 
ATOM   497 C C8    . DG  B 1 12 ? -0.257  -6.337  -4.906  1.00 11.96 ? 24 DG  B C8    1 
ATOM   498 N N7    . DG  B 1 12 ? 0.465   -5.704  -4.040  1.00 11.34 ? 24 DG  B N7    1 
ATOM   499 C C5    . DG  B 1 12 ? 0.723   -4.477  -4.665  1.00 10.59 ? 24 DG  B C5    1 
ATOM   500 C C6    . DG  B 1 12 ? 1.471   -3.374  -4.210  1.00 11.95 ? 24 DG  B C6    1 
ATOM   501 O O6    . DG  B 1 12 ? 2.048   -3.274  -3.124  1.00 12.03 ? 24 DG  B O6    1 
ATOM   502 N N1    . DG  B 1 12 ? 1.500   -2.304  -5.128  1.00 11.54 ? 24 DG  B N1    1 
ATOM   503 C C2    . DG  B 1 12 ? 0.895   -2.315  -6.363  1.00 10.21 ? 24 DG  B C2    1 
ATOM   504 N N2    . DG  B 1 12 ? 1.053   -1.202  -7.094  1.00 11.78 ? 24 DG  B N2    1 
ATOM   505 N N3    . DG  B 1 12 ? 0.177   -3.350  -6.807  1.00 11.17 ? 24 DG  B N3    1 
ATOM   506 C C4    . DG  B 1 12 ? 0.131   -4.388  -5.905  1.00 11.29 ? 24 DG  B C4    1 
HETATM 507 K K     . K   C 2 .  ? -2.990  1.709   1.908   1.00 14.11 ? 26 K   A K     1 
HETATM 508 K K     . K   D 2 .  ? -0.374  0.267   0.286   1.00 10.36 ? 27 K   A K     1 
HETATM 509 K K     . K   E 2 .  ? 2.345   -1.179  -1.340  1.00 11.84 ? 28 K   A K     1 
HETATM 510 O O39   . NCQ F 3 .  ? 3.475   -4.383  -6.964  1.00 14.22 ? 29 NCQ A O39   1 
HETATM 511 C C9    . NCQ F 3 .  ? 2.866   -5.353  -7.382  1.00 13.93 ? 29 NCQ A C9    1 
HETATM 512 C C10   . NCQ F 3 .  ? 2.212   -5.336  -8.752  1.00 14.25 ? 29 NCQ A C10   1 
HETATM 513 C C13   . NCQ F 3 .  ? 2.454   -4.009  -9.460  1.00 17.84 ? 29 NCQ A C13   1 
HETATM 514 N N16   . NCQ F 3 .  ? 1.710   -4.003  -10.719 1.00 20.98 ? 29 NCQ A N16   1 
HETATM 515 C C36   . NCQ F 3 .  ? 0.256   -4.252  -10.666 1.00 22.60 ? 29 NCQ A C36   1 
HETATM 516 C C33   . NCQ F 3 .  ? -0.188  -4.909  -11.983 1.00 23.34 ? 29 NCQ A C33   1 
HETATM 517 C C30   . NCQ F 3 .  ? -0.641  -3.876  -13.014 1.00 22.87 ? 29 NCQ A C30   1 
HETATM 518 C C27   . NCQ F 3 .  ? 0.547   -3.126  -13.621 1.00 22.55 ? 29 NCQ A C27   1 
HETATM 519 C C73   . NCQ F 3 .  ? 1.370   -2.384  -12.572 1.00 23.65 ? 29 NCQ A C73   1 
HETATM 520 C C11   . NCQ F 3 .  ? 2.356   -3.306  -11.844 1.00 23.06 ? 29 NCQ A C11   1 
HETATM 521 N N7    . NCQ F 3 .  ? 2.681   -6.471  -6.678  1.00 12.87 ? 29 NCQ A N7    1 
HETATM 522 C C6    . NCQ F 3 .  ? 3.218   -6.763  -5.400  1.00 12.54 ? 29 NCQ A C6    1 
HETATM 523 C C40   . NCQ F 3 .  ? 2.935   -8.004  -4.854  1.00 11.93 ? 29 NCQ A C40   1 
HETATM 524 C C42   . NCQ F 3 .  ? 3.442   -8.399  -3.613  1.00 11.81 ? 29 NCQ A C42   1 
HETATM 525 C C4    . NCQ F 3 .  ? 4.055   -5.889  -4.704  1.00 11.93 ? 29 NCQ A C4    1 
HETATM 526 C C3    . NCQ F 3 .  ? 4.578   -6.269  -3.461  1.00 11.88 ? 29 NCQ A C3    1 
HETATM 527 N N1    . NCQ F 3 .  ? 5.391   -5.419  -2.786  1.00 12.58 ? 29 NCQ A N1    1 
HETATM 528 C C44   . NCQ F 3 .  ? 4.278   -7.529  -2.910  1.00 12.38 ? 29 NCQ A C44   1 
HETATM 529 C C45   . NCQ F 3 .  ? 4.806   -7.903  -1.661  1.00 11.01 ? 29 NCQ A C45   1 
HETATM 530 C C2    . NCQ F 3 .  ? 5.652   -7.009  -0.998  1.00 12.26 ? 29 NCQ A C2    1 
HETATM 531 C C87   . NCQ F 3 .  ? 5.915   -5.753  -1.581  1.00 11.91 ? 29 NCQ A C87   1 
HETATM 532 C C47   . NCQ F 3 .  ? 6.211   -7.325  0.249   1.00 12.34 ? 29 NCQ A C47   1 
HETATM 533 C C49   . NCQ F 3 .  ? 7.045   -6.391  0.892   1.00 12.58 ? 29 NCQ A C49   1 
HETATM 534 C C51   . NCQ F 3 .  ? 7.308   -5.133  0.308   1.00 12.83 ? 29 NCQ A C51   1 
HETATM 535 C C85   . NCQ F 3 .  ? 6.749   -4.839  -0.943  1.00 12.56 ? 29 NCQ A C85   1 
HETATM 536 N N52   . NCQ F 3 .  ? 8.216   -4.234  0.929   1.00 12.36 ? 29 NCQ A N52   1 
HETATM 537 C C54   . NCQ F 3 .  ? 8.504   -2.965  0.606   1.00 13.57 ? 29 NCQ A C54   1 
HETATM 538 O O84   . NCQ F 3 .  ? 7.890   -2.333  -0.227  1.00 12.64 ? 29 NCQ A O84   1 
HETATM 539 C C55   . NCQ F 3 .  ? 9.613   -2.271  1.378   1.00 15.82 ? 29 NCQ A C55   1 
HETATM 540 C C58   . NCQ F 3 .  ? 9.950   -0.929  0.713   1.00 17.44 ? 29 NCQ A C58   1 
HETATM 541 N N61   . NCQ F 3 .  ? 11.374  -0.553  0.725   1.00 20.30 ? 29 NCQ A N61   1 
HETATM 542 C C75   . NCQ F 3 .  ? 12.272  -1.102  1.745   1.00 21.21 ? 29 NCQ A C75   1 
HETATM 543 C C72   . NCQ F 3 .  ? 13.597  -1.446  1.057   1.00 24.75 ? 29 NCQ A C72   1 
HETATM 544 C C69   . NCQ F 3 .  ? 14.505  -0.229  0.838   1.00 24.59 ? 29 NCQ A C69   1 
HETATM 545 C C66   . NCQ F 3 .  ? 14.172  0.636   -0.394  1.00 24.47 ? 29 NCQ A C66   1 
HETATM 546 C C29   . NCQ F 3 .  ? 12.706  0.694   -0.867  1.00 23.13 ? 29 NCQ A C29   1 
HETATM 547 C C31   . NCQ F 3 .  ? 11.665  0.804   0.255   1.00 20.67 ? 29 NCQ A C31   1 
HETATM 548 K K     . K   G 2 .  ? -5.658  3.279   3.569   1.00 15.75 ? 25 K   B K     1 
HETATM 549 O O     . HOH H 4 .  ? 7.910   2.385   -11.002 1.00 53.41 ? 30 HOH A O     1 
HETATM 550 O O     . HOH H 4 .  ? 7.278   -12.470 -5.380  1.00 33.70 ? 31 HOH A O     1 
HETATM 551 O O     . HOH H 4 .  ? -7.317  -3.044  -10.687 1.00 34.10 ? 32 HOH A O     1 
HETATM 552 O O     . HOH H 4 .  ? 9.648   -10.706 9.748   1.00 34.09 ? 33 HOH A O     1 
HETATM 553 O O     . HOH H 4 .  ? 10.458  -5.690  2.495   1.00 33.26 ? 34 HOH A O     1 
HETATM 554 O O     . HOH H 4 .  ? 6.459   -8.283  5.621   1.00 19.58 ? 35 HOH A O     1 
HETATM 555 O O     . HOH H 4 .  ? 9.997   1.246   -9.042  1.00 41.20 ? 36 HOH A O     1 
HETATM 556 O O     . HOH H 4 .  ? 5.959   -5.111  -11.480 1.00 39.49 ? 37 HOH A O     1 
HETATM 557 O O     . HOH H 4 .  ? 13.397  -5.675  0.607   1.00 34.38 ? 38 HOH A O     1 
HETATM 558 O O     . HOH H 4 .  ? 13.412  -7.106  8.224   1.00 33.23 ? 39 HOH A O     1 
HETATM 559 O O     . HOH H 4 .  ? 14.478  -7.684  5.933   1.00 27.91 ? 40 HOH A O     1 
HETATM 560 O O     . HOH H 4 .  ? 13.027  -0.259  -4.493  1.00 26.26 ? 41 HOH A O     1 
HETATM 561 O O     . HOH H 4 .  ? -2.835  -11.479 6.005   1.00 36.49 ? 42 HOH A O     1 
HETATM 562 O O     . HOH H 4 .  ? -0.077  9.540   4.788   1.00 25.91 ? 43 HOH A O     1 
HETATM 563 O O     . HOH H 4 .  ? 11.847  -4.151  4.430   1.00 38.90 ? 44 HOH A O     1 
HETATM 564 O O     . HOH H 4 .  ? -0.994  -7.964  4.603   1.00 18.65 ? 45 HOH A O     1 
HETATM 565 O O     . HOH H 4 .  ? 9.855   -1.316  -6.991  1.00 30.52 ? 46 HOH A O     1 
HETATM 566 O O     . HOH H 4 .  ? 2.449   1.004   -10.663 1.00 24.62 ? 47 HOH A O     1 
HETATM 567 O O     . HOH H 4 .  ? 5.135   0.518   6.718   1.00 23.86 ? 48 HOH A O     1 
HETATM 568 O O     . HOH H 4 .  ? 5.859   -2.995  6.404   1.00 23.63 ? 49 HOH A O     1 
HETATM 569 O O     . HOH H 4 .  ? -6.835  -3.240  -5.388  1.00 19.43 ? 50 HOH A O     1 
HETATM 570 O O     . HOH H 4 .  ? 4.198   -10.206 -7.192  1.00 16.41 ? 51 HOH A O     1 
HETATM 571 O O     . HOH H 4 .  ? 2.165   -8.895  -8.202  1.00 12.45 ? 52 HOH A O     1 
HETATM 572 O O     . HOH H 4 .  ? 5.535   -3.943  -13.472 1.00 38.88 ? 53 HOH A O     1 
HETATM 573 O O     . HOH H 4 .  ? -0.090  -11.022 -7.364  1.00 30.85 ? 54 HOH A O     1 
HETATM 574 O O     . HOH H 4 .  ? -2.227  -12.122 -8.367  1.00 48.45 ? 55 HOH A O     1 
HETATM 575 O O     . HOH I 4 .  ? -0.571  -8.855  -11.054 1.00 15.09 ? 26 HOH B O     1 
HETATM 576 O O     . HOH I 4 .  ? -6.447  16.446  -0.708  1.00 35.59 ? 27 HOH B O     1 
HETATM 577 O O     . HOH I 4 .  ? 2.453   13.130  -2.924  1.00 34.92 ? 28 HOH B O     1 
HETATM 578 O O     . HOH I 4 .  ? -0.252  16.283  -1.769  1.00 30.55 ? 29 HOH B O     1 
HETATM 579 O O     . HOH I 4 .  ? -4.123  -6.318  -11.285 1.00 31.23 ? 30 HOH B O     1 
HETATM 580 O O     . HOH I 4 .  ? -13.281 -1.805  12.417  1.00 40.92 ? 31 HOH B O     1 
HETATM 581 O O     . HOH I 4 .  ? -7.959  12.367  2.686   1.00 21.43 ? 32 HOH B O     1 
HETATM 582 O O     . HOH I 4 .  ? -2.552  -2.452  -8.180  1.00 25.48 ? 33 HOH B O     1 
HETATM 583 O O     . HOH I 4 .  ? -9.955  8.197   -4.001  1.00 45.69 ? 34 HOH B O     1 
HETATM 584 O O     . HOH I 4 .  ? -15.829 6.053   5.735   1.00 21.75 ? 35 HOH B O     1 
HETATM 585 O O     . HOH I 4 .  ? 5.598   3.171   6.574   1.00 17.28 ? 36 HOH B O     1 
HETATM 586 O O     . HOH I 4 .  ? -1.402  -8.707  9.588   1.00 40.52 ? 37 HOH B O     1 
HETATM 587 O O     . HOH I 4 .  ? -2.383  8.840   8.526   1.00 34.33 ? 38 HOH B O     1 
HETATM 588 O O     . HOH I 4 .  ? -1.482  11.365  3.352   1.00 17.19 ? 39 HOH B O     1 
HETATM 589 O O     . HOH I 4 .  ? -0.542  18.786  -3.014  1.00 41.22 ? 40 HOH B O     1 
HETATM 590 O O     . HOH I 4 .  ? -0.015  14.327  -5.295  1.00 53.23 ? 41 HOH B O     1 
HETATM 591 O O     . HOH I 4 .  ? -16.561 4.229   3.912   1.00 32.13 ? 42 HOH B O     1 
HETATM 592 O O     . HOH I 4 .  ? -11.225 -2.968  10.911  1.00 32.66 ? 43 HOH B O     1 
HETATM 593 O O     . HOH I 4 .  ? 13.355  6.412   7.322   1.00 52.31 ? 46 HOH B O     1 
HETATM 594 O O     . HOH I 4 .  ? -6.516  -9.979  -9.578  1.00 39.84 ? 47 HOH B O     1 
HETATM 595 O O     . HOH I 4 .  ? -8.771  15.993  -0.256  1.00 36.55 ? 48 HOH B O     1 
HETATM 596 O O     . HOH I 4 .  ? 13.267  -1.638  6.579   1.00 54.65 ? 49 HOH B O     1 
HETATM 597 O O     . HOH I 4 .  ? -6.046  -12.151 -8.123  1.00 29.21 ? 51 HOH B O     1 
HETATM 598 O O     . HOH I 4 .  ? -1.183  -8.657  1.372   1.00 15.35 ? 52 HOH B O     1 
HETATM 599 O O     . HOH I 4 .  ? 0.044   -0.845  -9.893  1.00 16.59 ? 53 HOH B O     1 
HETATM 600 O O     . HOH I 4 .  ? 2.084   7.266   5.047   1.00 17.25 ? 54 HOH B O     1 
# 
loop_
_pdbx_poly_seq_scheme.asym_id 
_pdbx_poly_seq_scheme.entity_id 
_pdbx_poly_seq_scheme.seq_id 
_pdbx_poly_seq_scheme.mon_id 
_pdbx_poly_seq_scheme.ndb_seq_num 
_pdbx_poly_seq_scheme.pdb_seq_num 
_pdbx_poly_seq_scheme.auth_seq_num 
_pdbx_poly_seq_scheme.pdb_mon_id 
_pdbx_poly_seq_scheme.auth_mon_id 
_pdbx_poly_seq_scheme.pdb_strand_id 
_pdbx_poly_seq_scheme.pdb_ins_code 
_pdbx_poly_seq_scheme.hetero 
A 1 1  DG 1  1  1  DG G A . n 
A 1 2  DG 2  2  2  DG G A . n 
A 1 3  DG 3  3  3  DG G A . n 
A 1 4  DG 4  4  4  DG G A . n 
A 1 5  DT 5  5  5  DT T A . n 
A 1 6  DT 6  6  6  DT T A . n 
A 1 7  DT 7  7  7  DT T A . n 
A 1 8  DT 8  8  8  DT T A . n 
A 1 9  DG 9  9  9  DG G A . n 
A 1 10 DG 10 10 10 DG G A . n 
A 1 11 DG 11 11 11 DG G A . n 
A 1 12 DG 12 12 12 DG G A . n 
B 1 1  DG 1  13 13 DG G B . n 
B 1 2  DG 2  14 14 DG G B . n 
B 1 3  DG 3  15 15 DG G B . n 
B 1 4  DG 4  16 16 DG G B . n 
B 1 5  DT 5  17 17 DT T B . n 
B 1 6  DT 6  18 18 DT T B . n 
B 1 7  DT 7  19 19 DT T B . n 
B 1 8  DT 8  20 20 DT T B . n 
B 1 9  DG 9  21 21 DG G B . n 
B 1 10 DG 10 22 22 DG G B . n 
B 1 11 DG 11 23 23 DG G B . n 
B 1 12 DG 12 24 24 DG G B . n 
# 
loop_
_pdbx_nonpoly_scheme.asym_id 
_pdbx_nonpoly_scheme.entity_id 
_pdbx_nonpoly_scheme.mon_id 
_pdbx_nonpoly_scheme.ndb_seq_num 
_pdbx_nonpoly_scheme.pdb_seq_num 
_pdbx_nonpoly_scheme.auth_seq_num 
_pdbx_nonpoly_scheme.pdb_mon_id 
_pdbx_nonpoly_scheme.auth_mon_id 
_pdbx_nonpoly_scheme.pdb_strand_id 
_pdbx_nonpoly_scheme.pdb_ins_code 
C 2 K   1  26 26 K   K   A . 
D 2 K   1  27 27 K   K   A . 
E 2 K   1  28 28 K   K   A . 
F 3 NCQ 1  29 29 NCQ NCQ A . 
G 2 K   1  25 25 K   K   B . 
H 4 HOH 1  30 6  HOH HOH A . 
H 4 HOH 2  31 7  HOH HOH A . 
H 4 HOH 3  32 10 HOH HOH A . 
H 4 HOH 4  33 11 HOH HOH A . 
H 4 HOH 5  34 12 HOH HOH A . 
H 4 HOH 6  35 14 HOH HOH A . 
H 4 HOH 7  36 15 HOH HOH A . 
H 4 HOH 8  37 16 HOH HOH A . 
H 4 HOH 9  38 23 HOH HOH A . 
H 4 HOH 10 39 32 HOH HOH A . 
H 4 HOH 11 40 34 HOH HOH A . 
H 4 HOH 12 41 35 HOH HOH A . 
H 4 HOH 13 42 36 HOH HOH A . 
H 4 HOH 14 43 40 HOH HOH A . 
H 4 HOH 15 44 44 HOH HOH A . 
H 4 HOH 16 45 49 HOH HOH A . 
H 4 HOH 17 46 50 HOH HOH A . 
H 4 HOH 18 47 51 HOH HOH A . 
H 4 HOH 19 48 54 HOH HOH A . 
H 4 HOH 20 49 56 HOH HOH A . 
H 4 HOH 21 50 57 HOH HOH A . 
H 4 HOH 22 51 58 HOH HOH A . 
H 4 HOH 23 52 59 HOH HOH A . 
H 4 HOH 24 53 39 HOH HOH A . 
H 4 HOH 25 54 41 HOH HOH A . 
H 4 HOH 26 55 47 HOH HOH A . 
I 4 HOH 1  26 1  HOH HOH B . 
I 4 HOH 2  27 2  HOH HOH B . 
I 4 HOH 3  28 3  HOH HOH B . 
I 4 HOH 4  29 4  HOH HOH B . 
I 4 HOH 5  30 8  HOH HOH B . 
I 4 HOH 6  31 9  HOH HOH B . 
I 4 HOH 7  32 13 HOH HOH B . 
I 4 HOH 8  33 17 HOH HOH B . 
I 4 HOH 9  34 18 HOH HOH B . 
I 4 HOH 10 35 21 HOH HOH B . 
I 4 HOH 11 36 24 HOH HOH B . 
I 4 HOH 12 37 26 HOH HOH B . 
I 4 HOH 13 38 27 HOH HOH B . 
I 4 HOH 14 39 28 HOH HOH B . 
I 4 HOH 15 40 29 HOH HOH B . 
I 4 HOH 16 41 31 HOH HOH B . 
I 4 HOH 17 42 37 HOH HOH B . 
I 4 HOH 18 43 38 HOH HOH B . 
I 4 HOH 19 46 42 HOH HOH B . 
I 4 HOH 20 47 43 HOH HOH B . 
I 4 HOH 21 48 45 HOH HOH B . 
I 4 HOH 22 49 46 HOH HOH B . 
I 4 HOH 23 51 48 HOH HOH B . 
I 4 HOH 24 52 52 HOH HOH B . 
I 4 HOH 25 53 53 HOH HOH B . 
I 4 HOH 26 54 55 HOH HOH B . 
# 
_pdbx_struct_assembly.id                   1 
_pdbx_struct_assembly.details              author_and_software_defined_assembly 
_pdbx_struct_assembly.method_details       PISA 
_pdbx_struct_assembly.oligomeric_details   dimeric 
_pdbx_struct_assembly.oligomeric_count     2 
# 
_pdbx_struct_assembly_gen.assembly_id       1 
_pdbx_struct_assembly_gen.oper_expression   1 
_pdbx_struct_assembly_gen.asym_id_list      A,B,C,D,E,F,G,H,I 
# 
loop_
_pdbx_struct_assembly_prop.biol_id 
_pdbx_struct_assembly_prop.type 
_pdbx_struct_assembly_prop.value 
_pdbx_struct_assembly_prop.details 
1 'ABSA (A^2)' 3160 ? 
1 MORE         -9.4 ? 
1 'SSA (A^2)'  3650 ? 
# 
_pdbx_struct_oper_list.id                   1 
_pdbx_struct_oper_list.type                 'identity operation' 
_pdbx_struct_oper_list.name                 1_555 
_pdbx_struct_oper_list.symmetry_operation   x,y,z 
_pdbx_struct_oper_list.matrix[1][1]         1.0000000000 
_pdbx_struct_oper_list.matrix[1][2]         0.0000000000 
_pdbx_struct_oper_list.matrix[1][3]         0.0000000000 
_pdbx_struct_oper_list.vector[1]            0.0000000000 
_pdbx_struct_oper_list.matrix[2][1]         0.0000000000 
_pdbx_struct_oper_list.matrix[2][2]         1.0000000000 
_pdbx_struct_oper_list.matrix[2][3]         0.0000000000 
_pdbx_struct_oper_list.vector[2]            0.0000000000 
_pdbx_struct_oper_list.matrix[3][1]         0.0000000000 
_pdbx_struct_oper_list.matrix[3][2]         0.0000000000 
_pdbx_struct_oper_list.matrix[3][3]         1.0000000000 
_pdbx_struct_oper_list.vector[3]            0.0000000000 
# 
loop_
_pdbx_struct_conn_angle.id 
_pdbx_struct_conn_angle.ptnr1_label_atom_id 
_pdbx_struct_conn_angle.ptnr1_label_alt_id 
_pdbx_struct_conn_angle.ptnr1_label_asym_id 
_pdbx_struct_conn_angle.ptnr1_label_comp_id 
_pdbx_struct_conn_angle.ptnr1_label_seq_id 
_pdbx_struct_conn_angle.ptnr1_auth_atom_id 
_pdbx_struct_conn_angle.ptnr1_auth_asym_id 
_pdbx_struct_conn_angle.ptnr1_auth_comp_id 
_pdbx_struct_conn_angle.ptnr1_auth_seq_id 
_pdbx_struct_conn_angle.ptnr1_PDB_ins_code 
_pdbx_struct_conn_angle.ptnr1_symmetry 
_pdbx_struct_conn_angle.ptnr2_label_atom_id 
_pdbx_struct_conn_angle.ptnr2_label_alt_id 
_pdbx_struct_conn_angle.ptnr2_label_asym_id 
_pdbx_struct_conn_angle.ptnr2_label_comp_id 
_pdbx_struct_conn_angle.ptnr2_label_seq_id 
_pdbx_struct_conn_angle.ptnr2_auth_atom_id 
_pdbx_struct_conn_angle.ptnr2_auth_asym_id 
_pdbx_struct_conn_angle.ptnr2_auth_comp_id 
_pdbx_struct_conn_angle.ptnr2_auth_seq_id 
_pdbx_struct_conn_angle.ptnr2_PDB_ins_code 
_pdbx_struct_conn_angle.ptnr2_symmetry 
_pdbx_struct_conn_angle.ptnr3_label_atom_id 
_pdbx_struct_conn_angle.ptnr3_label_alt_id 
_pdbx_struct_conn_angle.ptnr3_label_asym_id 
_pdbx_struct_conn_angle.ptnr3_label_comp_id 
_pdbx_struct_conn_angle.ptnr3_label_seq_id 
_pdbx_struct_conn_angle.ptnr3_auth_atom_id 
_pdbx_struct_conn_angle.ptnr3_auth_asym_id 
_pdbx_struct_conn_angle.ptnr3_auth_comp_id 
_pdbx_struct_conn_angle.ptnr3_auth_seq_id 
_pdbx_struct_conn_angle.ptnr3_PDB_ins_code 
_pdbx_struct_conn_angle.ptnr3_symmetry 
_pdbx_struct_conn_angle.value 
_pdbx_struct_conn_angle.value_esd 
1  O6 ? A DG 1  ? A DG 1  ? 1_555 K ? C K . ? A K 26 ? 1_555 O6 ? A DG 2  ? A DG 2  ? 1_555 68.5  ? 
2  O6 ? A DG 1  ? A DG 1  ? 1_555 K ? C K . ? A K 26 ? 1_555 O6 ? A DG 11 ? A DG 11 ? 1_555 170.4 ? 
3  O6 ? A DG 2  ? A DG 2  ? 1_555 K ? C K . ? A K 26 ? 1_555 O6 ? A DG 11 ? A DG 11 ? 1_555 108.9 ? 
4  O6 ? A DG 1  ? A DG 1  ? 1_555 K ? C K . ? A K 26 ? 1_555 O6 ? A DG 12 ? A DG 12 ? 1_555 111.5 ? 
5  O6 ? A DG 2  ? A DG 2  ? 1_555 K ? C K . ? A K 26 ? 1_555 O6 ? A DG 12 ? A DG 12 ? 1_555 173.5 ? 
6  O6 ? A DG 11 ? A DG 11 ? 1_555 K ? C K . ? A K 26 ? 1_555 O6 ? A DG 12 ? A DG 12 ? 1_555 72.2  ? 
7  O6 ? A DG 1  ? A DG 1  ? 1_555 K ? C K . ? A K 26 ? 1_555 O6 ? B DG 3  ? B DG 15 ? 1_555 102.4 ? 
8  O6 ? A DG 2  ? A DG 2  ? 1_555 K ? C K . ? A K 26 ? 1_555 O6 ? B DG 3  ? B DG 15 ? 1_555 70.0  ? 
9  O6 ? A DG 11 ? A DG 11 ? 1_555 K ? C K . ? A K 26 ? 1_555 O6 ? B DG 3  ? B DG 15 ? 1_555 68.3  ? 
10 O6 ? A DG 12 ? A DG 12 ? 1_555 K ? C K . ? A K 26 ? 1_555 O6 ? B DG 3  ? B DG 15 ? 1_555 115.9 ? 
11 O6 ? A DG 1  ? A DG 1  ? 1_555 K ? C K . ? A K 26 ? 1_555 O6 ? B DG 4  ? B DG 16 ? 1_555 71.7  ? 
12 O6 ? A DG 2  ? A DG 2  ? 1_555 K ? C K . ? A K 26 ? 1_555 O6 ? B DG 4  ? B DG 16 ? 1_555 116.0 ? 
13 O6 ? A DG 11 ? A DG 11 ? 1_555 K ? C K . ? A K 26 ? 1_555 O6 ? B DG 4  ? B DG 16 ? 1_555 102.4 ? 
14 O6 ? A DG 12 ? A DG 12 ? 1_555 K ? C K . ? A K 26 ? 1_555 O6 ? B DG 4  ? B DG 16 ? 1_555 69.5  ? 
15 O6 ? B DG 3  ? B DG 15 ? 1_555 K ? C K . ? A K 26 ? 1_555 O6 ? B DG 4  ? B DG 16 ? 1_555 72.3  ? 
16 O6 ? A DG 1  ? A DG 1  ? 1_555 K ? C K . ? A K 26 ? 1_555 O6 ? B DG 9  ? B DG 21 ? 1_555 70.7  ? 
17 O6 ? A DG 2  ? A DG 2  ? 1_555 K ? C K . ? A K 26 ? 1_555 O6 ? B DG 9  ? B DG 21 ? 1_555 104.9 ? 
18 O6 ? A DG 11 ? A DG 11 ? 1_555 K ? C K . ? A K 26 ? 1_555 O6 ? B DG 9  ? B DG 21 ? 1_555 118.7 ? 
19 O6 ? A DG 12 ? A DG 12 ? 1_555 K ? C K . ? A K 26 ? 1_555 O6 ? B DG 9  ? B DG 21 ? 1_555 69.5  ? 
20 O6 ? B DG 3  ? B DG 15 ? 1_555 K ? C K . ? A K 26 ? 1_555 O6 ? B DG 9  ? B DG 21 ? 1_555 172.8 ? 
21 O6 ? B DG 4  ? B DG 16 ? 1_555 K ? C K . ? A K 26 ? 1_555 O6 ? B DG 9  ? B DG 21 ? 1_555 106.5 ? 
22 O6 ? A DG 1  ? A DG 1  ? 1_555 K ? C K . ? A K 26 ? 1_555 O6 ? B DG 10 ? B DG 22 ? 1_555 115.3 ? 
23 O6 ? A DG 2  ? A DG 2  ? 1_555 K ? C K . ? A K 26 ? 1_555 O6 ? B DG 10 ? B DG 22 ? 1_555 68.4  ? 
24 O6 ? A DG 11 ? A DG 11 ? 1_555 K ? C K . ? A K 26 ? 1_555 O6 ? B DG 10 ? B DG 22 ? 1_555 70.8  ? 
25 O6 ? A DG 12 ? A DG 12 ? 1_555 K ? C K . ? A K 26 ? 1_555 O6 ? B DG 10 ? B DG 22 ? 1_555 106.5 ? 
26 O6 ? B DG 3  ? B DG 15 ? 1_555 K ? C K . ? A K 26 ? 1_555 O6 ? B DG 10 ? B DG 22 ? 1_555 105.4 ? 
27 O6 ? B DG 4  ? B DG 16 ? 1_555 K ? C K . ? A K 26 ? 1_555 O6 ? B DG 10 ? B DG 22 ? 1_555 173.0 ? 
28 O6 ? B DG 9  ? B DG 21 ? 1_555 K ? C K . ? A K 26 ? 1_555 O6 ? B DG 10 ? B DG 22 ? 1_555 76.6  ? 
29 O6 ? A DG 2  ? A DG 2  ? 1_555 K ? D K . ? A K 27 ? 1_555 O6 ? A DG 3  ? A DG 3  ? 1_555 87.6  ? 
30 O6 ? A DG 2  ? A DG 2  ? 1_555 K ? D K . ? A K 27 ? 1_555 O6 ? A DG 10 ? A DG 10 ? 1_555 128.3 ? 
31 O6 ? A DG 3  ? A DG 3  ? 1_555 K ? D K . ? A K 27 ? 1_555 O6 ? A DG 10 ? A DG 10 ? 1_555 113.1 ? 
32 O6 ? A DG 2  ? A DG 2  ? 1_555 K ? D K . ? A K 27 ? 1_555 O6 ? A DG 11 ? A DG 11 ? 1_555 105.3 ? 
33 O6 ? A DG 3  ? A DG 3  ? 1_555 K ? D K . ? A K 27 ? 1_555 O6 ? A DG 11 ? A DG 11 ? 1_555 132.2 ? 
34 O6 ? A DG 10 ? A DG 10 ? 1_555 K ? D K . ? A K 27 ? 1_555 O6 ? A DG 11 ? A DG 11 ? 1_555 94.6  ? 
35 O6 ? A DG 2  ? A DG 2  ? 1_555 K ? D K . ? A K 27 ? 1_555 O6 ? B DG 2  ? B DG 14 ? 1_555 155.8 ? 
36 O6 ? A DG 3  ? A DG 3  ? 1_555 K ? D K . ? A K 27 ? 1_555 O6 ? B DG 2  ? B DG 14 ? 1_555 73.8  ? 
37 O6 ? A DG 10 ? A DG 10 ? 1_555 K ? D K . ? A K 27 ? 1_555 O6 ? B DG 2  ? B DG 14 ? 1_555 74.4  ? 
38 O6 ? A DG 11 ? A DG 11 ? 1_555 K ? D K . ? A K 27 ? 1_555 O6 ? B DG 2  ? B DG 14 ? 1_555 77.8  ? 
39 O6 ? A DG 2  ? A DG 2  ? 1_555 K ? D K . ? A K 27 ? 1_555 O6 ? B DG 3  ? B DG 15 ? 1_555 70.2  ? 
40 O6 ? A DG 3  ? A DG 3  ? 1_555 K ? D K . ? A K 27 ? 1_555 O6 ? B DG 3  ? B DG 15 ? 1_555 75.6  ? 
41 O6 ? A DG 10 ? A DG 10 ? 1_555 K ? D K . ? A K 27 ? 1_555 O6 ? B DG 3  ? B DG 15 ? 1_555 158.1 ? 
42 O6 ? A DG 11 ? A DG 11 ? 1_555 K ? D K . ? A K 27 ? 1_555 O6 ? B DG 3  ? B DG 15 ? 1_555 66.7  ? 
43 O6 ? B DG 2  ? B DG 14 ? 1_555 K ? D K . ? A K 27 ? 1_555 O6 ? B DG 3  ? B DG 15 ? 1_555 90.0  ? 
44 O6 ? A DG 2  ? A DG 2  ? 1_555 K ? D K . ? A K 27 ? 1_555 O6 ? B DG 10 ? B DG 22 ? 1_555 69.8  ? 
45 O6 ? A DG 3  ? A DG 3  ? 1_555 K ? D K . ? A K 27 ? 1_555 O6 ? B DG 10 ? B DG 22 ? 1_555 152.9 ? 
46 O6 ? A DG 10 ? A DG 10 ? 1_555 K ? D K . ? A K 27 ? 1_555 O6 ? B DG 10 ? B DG 22 ? 1_555 73.2  ? 
47 O6 ? A DG 11 ? A DG 11 ? 1_555 K ? D K . ? A K 27 ? 1_555 O6 ? B DG 10 ? B DG 22 ? 1_555 70.4  ? 
48 O6 ? B DG 2  ? B DG 14 ? 1_555 K ? D K . ? A K 27 ? 1_555 O6 ? B DG 10 ? B DG 22 ? 1_555 131.7 ? 
49 O6 ? B DG 3  ? B DG 15 ? 1_555 K ? D K . ? A K 27 ? 1_555 O6 ? B DG 10 ? B DG 22 ? 1_555 108.6 ? 
50 O6 ? A DG 2  ? A DG 2  ? 1_555 K ? D K . ? A K 27 ? 1_555 O6 ? B DG 11 ? B DG 23 ? 1_555 75.6  ? 
51 O6 ? A DG 3  ? A DG 3  ? 1_555 K ? D K . ? A K 27 ? 1_555 O6 ? B DG 11 ? B DG 23 ? 1_555 66.2  ? 
52 O6 ? A DG 10 ? A DG 10 ? 1_555 K ? D K . ? A K 27 ? 1_555 O6 ? B DG 11 ? B DG 23 ? 1_555 71.6  ? 
53 O6 ? A DG 11 ? A DG 11 ? 1_555 K ? D K . ? A K 27 ? 1_555 O6 ? B DG 11 ? B DG 23 ? 1_555 161.3 ? 
54 O6 ? B DG 2  ? B DG 14 ? 1_555 K ? D K . ? A K 27 ? 1_555 O6 ? B DG 11 ? B DG 23 ? 1_555 109.3 ? 
55 O6 ? B DG 3  ? B DG 15 ? 1_555 K ? D K . ? A K 27 ? 1_555 O6 ? B DG 11 ? B DG 23 ? 1_555 129.1 ? 
56 O6 ? B DG 10 ? B DG 22 ? 1_555 K ? D K . ? A K 27 ? 1_555 O6 ? B DG 11 ? B DG 23 ? 1_555 93.1  ? 
57 O6 ? A DG 4  ? A DG 4  ? 1_555 K ? E K . ? A K 28 ? 1_555 O6 ? A DG 9  ? A DG 9  ? 1_555 122.8 ? 
58 O6 ? A DG 4  ? A DG 4  ? 1_555 K ? E K . ? A K 28 ? 1_555 O6 ? A DG 10 ? A DG 10 ? 1_555 164.0 ? 
59 O6 ? A DG 9  ? A DG 9  ? 1_555 K ? E K . ? A K 28 ? 1_555 O6 ? A DG 10 ? A DG 10 ? 1_555 71.9  ? 
60 O6 ? A DG 4  ? A DG 4  ? 1_555 K ? E K . ? A K 28 ? 1_555 O6 ? B DG 1  ? B DG 13 ? 1_555 73.8  ? 
61 O6 ? A DG 9  ? A DG 9  ? 1_555 K ? E K . ? A K 28 ? 1_555 O6 ? B DG 1  ? B DG 13 ? 1_555 76.3  ? 
62 O6 ? A DG 10 ? A DG 10 ? 1_555 K ? E K . ? A K 28 ? 1_555 O6 ? B DG 1  ? B DG 13 ? 1_555 118.7 ? 
63 O6 ? A DG 4  ? A DG 4  ? 1_555 K ? E K . ? A K 28 ? 1_555 O6 ? B DG 2  ? B DG 14 ? 1_555 112.5 ? 
64 O6 ? A DG 9  ? A DG 9  ? 1_555 K ? E K . ? A K 28 ? 1_555 O6 ? B DG 2  ? B DG 14 ? 1_555 100.6 ? 
65 O6 ? A DG 10 ? A DG 10 ? 1_555 K ? E K . ? A K 28 ? 1_555 O6 ? B DG 2  ? B DG 14 ? 1_555 66.9  ? 
66 O6 ? B DG 1  ? B DG 13 ? 1_555 K ? E K . ? A K 28 ? 1_555 O6 ? B DG 2  ? B DG 14 ? 1_555 69.5  ? 
67 O6 ? A DG 4  ? A DG 4  ? 1_555 K ? E K . ? A K 28 ? 1_555 O6 ? B DG 11 ? B DG 23 ? 1_555 100.1 ? 
68 O6 ? A DG 9  ? A DG 9  ? 1_555 K ? E K . ? A K 28 ? 1_555 O6 ? B DG 11 ? B DG 23 ? 1_555 118.9 ? 
69 O6 ? A DG 10 ? A DG 10 ? 1_555 K ? E K . ? A K 28 ? 1_555 O6 ? B DG 11 ? B DG 23 ? 1_555 65.1  ? 
70 O6 ? B DG 1  ? B DG 13 ? 1_555 K ? E K . ? A K 28 ? 1_555 O6 ? B DG 11 ? B DG 23 ? 1_555 163.6 ? 
71 O6 ? B DG 2  ? B DG 14 ? 1_555 K ? E K . ? A K 28 ? 1_555 O6 ? B DG 11 ? B DG 23 ? 1_555 100.0 ? 
72 O6 ? A DG 4  ? A DG 4  ? 1_555 K ? E K . ? A K 28 ? 1_555 O6 ? B DG 12 ? B DG 24 ? 1_555 73.7  ? 
73 O6 ? A DG 9  ? A DG 9  ? 1_555 K ? E K . ? A K 28 ? 1_555 O6 ? B DG 12 ? B DG 24 ? 1_555 80.6  ? 
74 O6 ? A DG 10 ? A DG 10 ? 1_555 K ? E K . ? A K 28 ? 1_555 O6 ? B DG 12 ? B DG 24 ? 1_555 105.1 ? 
75 O6 ? B DG 1  ? B DG 13 ? 1_555 K ? E K . ? A K 28 ? 1_555 O6 ? B DG 12 ? B DG 24 ? 1_555 119.6 ? 
76 O6 ? B DG 2  ? B DG 14 ? 1_555 K ? E K . ? A K 28 ? 1_555 O6 ? B DG 12 ? B DG 24 ? 1_555 170.7 ? 
77 O6 ? B DG 11 ? B DG 23 ? 1_555 K ? E K . ? A K 28 ? 1_555 O6 ? B DG 12 ? B DG 24 ? 1_555 71.5  ? 
78 O6 ? A DG 12 ? A DG 12 ? 1_555 K ? G K . ? B K 25 ? 1_555 O6 ? B DG 4  ? B DG 16 ? 1_555 67.6  ? 
79 O6 ? A DG 12 ? A DG 12 ? 1_555 K ? G K . ? B K 25 ? 1_555 O2 ? B DT 5  ? B DT 17 ? 1_555 129.4 ? 
80 O6 ? B DG 4  ? B DG 16 ? 1_555 K ? G K . ? B K 25 ? 1_555 O2 ? B DT 5  ? B DT 17 ? 1_555 75.0  ? 
81 O6 ? A DG 12 ? A DG 12 ? 1_555 K ? G K . ? B K 25 ? 1_555 O2 ? B DT 7  ? B DT 19 ? 1_555 153.1 ? 
82 O6 ? B DG 4  ? B DG 16 ? 1_555 K ? G K . ? B K 25 ? 1_555 O2 ? B DT 7  ? B DT 19 ? 1_555 128.5 ? 
83 O2 ? B DT 5  ? B DT 17 ? 1_555 K ? G K . ? B K 25 ? 1_555 O2 ? B DT 7  ? B DT 19 ? 1_555 77.5  ? 
84 O6 ? A DG 12 ? A DG 12 ? 1_555 K ? G K . ? B K 25 ? 1_555 O6 ? B DG 9  ? B DG 21 ? 1_555 69.5  ? 
85 O6 ? B DG 4  ? B DG 16 ? 1_555 K ? G K . ? B K 25 ? 1_555 O6 ? B DG 9  ? B DG 21 ? 1_555 103.7 ? 
86 O2 ? B DT 5  ? B DT 17 ? 1_555 K ? G K . ? B K 25 ? 1_555 O6 ? B DG 9  ? B DG 21 ? 1_555 155.0 ? 
87 O2 ? B DT 7  ? B DT 19 ? 1_555 K ? G K . ? B K 25 ? 1_555 O6 ? B DG 9  ? B DG 21 ? 1_555 84.7  ? 
# 
loop_
_pdbx_audit_revision_history.ordinal 
_pdbx_audit_revision_history.data_content_type 
_pdbx_audit_revision_history.major_revision 
_pdbx_audit_revision_history.minor_revision 
_pdbx_audit_revision_history.revision_date 
1 'Structure model' 1 0 2008-10-21 
2 'Structure model' 1 1 2011-07-13 
3 'Structure model' 1 2 2017-10-25 
4 'Structure model' 1 3 2018-04-04 
5 'Structure model' 1 4 2023-09-06 
# 
_pdbx_audit_revision_details.ordinal             1 
_pdbx_audit_revision_details.revision_ordinal    1 
_pdbx_audit_revision_details.data_content_type   'Structure model' 
_pdbx_audit_revision_details.provider            repository 
_pdbx_audit_revision_details.type                'Initial release' 
_pdbx_audit_revision_details.description         ? 
_pdbx_audit_revision_details.details             ? 
# 
loop_
_pdbx_audit_revision_group.ordinal 
_pdbx_audit_revision_group.revision_ordinal 
_pdbx_audit_revision_group.data_content_type 
_pdbx_audit_revision_group.group 
1 2 'Structure model' 'Version format compliance' 
2 3 'Structure model' 'Refinement description'    
3 4 'Structure model' 'Data collection'           
4 5 'Structure model' 'Data collection'           
5 5 'Structure model' 'Database references'       
6 5 'Structure model' 'Derived calculations'      
7 5 'Structure model' 'Refinement description'    
# 
loop_
_pdbx_audit_revision_category.ordinal 
_pdbx_audit_revision_category.revision_ordinal 
_pdbx_audit_revision_category.data_content_type 
_pdbx_audit_revision_category.category 
1 3 'Structure model' software                      
2 4 'Structure model' diffrn_source                 
3 5 'Structure model' chem_comp_atom                
4 5 'Structure model' chem_comp_bond                
5 5 'Structure model' database_2                    
6 5 'Structure model' pdbx_initial_refinement_model 
7 5 'Structure model' struct_conn                   
8 5 'Structure model' struct_site                   
# 
loop_
_pdbx_audit_revision_item.ordinal 
_pdbx_audit_revision_item.revision_ordinal 
_pdbx_audit_revision_item.data_content_type 
_pdbx_audit_revision_item.item 
1  3 'Structure model' '_software.name'                      
2  4 'Structure model' '_diffrn_source.type'                 
3  5 'Structure model' '_database_2.pdbx_DOI'                
4  5 'Structure model' '_database_2.pdbx_database_accession' 
5  5 'Structure model' '_struct_conn.pdbx_dist_value'        
6  5 'Structure model' '_struct_conn.ptnr1_auth_asym_id'     
7  5 'Structure model' '_struct_conn.ptnr1_auth_comp_id'     
8  5 'Structure model' '_struct_conn.ptnr1_auth_seq_id'      
9  5 'Structure model' '_struct_conn.ptnr1_label_asym_id'    
10 5 'Structure model' '_struct_conn.ptnr1_label_atom_id'    
11 5 'Structure model' '_struct_conn.ptnr1_label_comp_id'    
12 5 'Structure model' '_struct_conn.ptnr1_label_seq_id'     
13 5 'Structure model' '_struct_conn.ptnr2_auth_asym_id'     
14 5 'Structure model' '_struct_conn.ptnr2_auth_comp_id'     
15 5 'Structure model' '_struct_conn.ptnr2_auth_seq_id'      
16 5 'Structure model' '_struct_conn.ptnr2_label_asym_id'    
17 5 'Structure model' '_struct_conn.ptnr2_label_atom_id'    
18 5 'Structure model' '_struct_conn.ptnr2_label_comp_id'    
19 5 'Structure model' '_struct_conn.ptnr2_label_seq_id'     
20 5 'Structure model' '_struct_site.pdbx_auth_asym_id'      
21 5 'Structure model' '_struct_site.pdbx_auth_comp_id'      
22 5 'Structure model' '_struct_site.pdbx_auth_seq_id'       
# 
loop_
_software.name 
_software.classification 
_software.version 
_software.citation_id 
_software.pdbx_ordinal 
CrysalisPro 'data collection' .        ? 1 
PHASER      phasing           .        ? 2 
REFMAC      refinement        5.2.0019 ? 3 
CrysalisPro 'data reduction'  .        ? 4 
CrysalisPro 'data scaling'    .        ? 5 
# 
loop_
_pdbx_validate_rmsd_angle.id 
_pdbx_validate_rmsd_angle.PDB_model_num 
_pdbx_validate_rmsd_angle.auth_atom_id_1 
_pdbx_validate_rmsd_angle.auth_asym_id_1 
_pdbx_validate_rmsd_angle.auth_comp_id_1 
_pdbx_validate_rmsd_angle.auth_seq_id_1 
_pdbx_validate_rmsd_angle.PDB_ins_code_1 
_pdbx_validate_rmsd_angle.label_alt_id_1 
_pdbx_validate_rmsd_angle.auth_atom_id_2 
_pdbx_validate_rmsd_angle.auth_asym_id_2 
_pdbx_validate_rmsd_angle.auth_comp_id_2 
_pdbx_validate_rmsd_angle.auth_seq_id_2 
_pdbx_validate_rmsd_angle.PDB_ins_code_2 
_pdbx_validate_rmsd_angle.label_alt_id_2 
_pdbx_validate_rmsd_angle.auth_atom_id_3 
_pdbx_validate_rmsd_angle.auth_asym_id_3 
_pdbx_validate_rmsd_angle.auth_comp_id_3 
_pdbx_validate_rmsd_angle.auth_seq_id_3 
_pdbx_validate_rmsd_angle.PDB_ins_code_3 
_pdbx_validate_rmsd_angle.label_alt_id_3 
_pdbx_validate_rmsd_angle.angle_value 
_pdbx_validate_rmsd_angle.angle_target_value 
_pdbx_validate_rmsd_angle.angle_deviation 
_pdbx_validate_rmsd_angle.angle_standard_deviation 
_pdbx_validate_rmsd_angle.linker_flag 
1  1 C5    A DG 3  ? ? C6    A DG 3  ? ? N1    A DG 3  ? ? 114.81 111.50 3.31  0.50 N 
2  1 "O4'" A DT 7  ? ? "C1'" A DT 7  ? ? N1    A DT 7  ? ? 110.21 108.30 1.91  0.30 N 
3  1 "O4'" A DG 10 ? ? "C1'" A DG 10 ? ? N9    A DG 10 ? ? 111.63 108.30 3.33  0.30 N 
4  1 "O5'" A DG 11 ? ? "C5'" A DG 11 ? ? "C4'" A DG 11 ? ? 100.68 109.40 -8.72 0.80 N 
5  1 C5    A DG 12 ? ? C6    A DG 12 ? ? O6    A DG 12 ? ? 124.62 128.60 -3.98 0.60 N 
6  1 "O4'" B DG 13 ? ? "C1'" B DG 13 ? ? N9    B DG 13 ? ? 113.74 108.30 5.44  0.30 N 
7  1 "O4'" B DG 14 ? ? "C1'" B DG 14 ? ? N9    B DG 14 ? ? 111.40 108.30 3.10  0.30 N 
8  1 "O4'" B DG 16 ? ? "C1'" B DG 16 ? ? N9    B DG 16 ? ? 111.54 108.30 3.24  0.30 N 
9  1 "O4'" B DT 17 ? ? "C4'" B DT 17 ? ? "C3'" B DT 17 ? ? 101.07 104.50 -3.43 0.40 N 
10 1 "O4'" B DG 22 ? ? "C1'" B DG 22 ? ? N9    B DG 22 ? ? 112.10 108.30 3.80  0.30 N 
11 1 "C3'" B DG 22 ? ? "O3'" B DG 22 ? ? P     B DG 23 ? ? 127.69 119.70 7.99  1.20 Y 
12 1 "O4'" B DG 23 ? ? "C1'" B DG 23 ? ? N9    B DG 23 ? ? 111.13 108.30 2.83  0.30 N 
# 
loop_
_chem_comp_atom.comp_id 
_chem_comp_atom.atom_id 
_chem_comp_atom.type_symbol 
_chem_comp_atom.pdbx_aromatic_flag 
_chem_comp_atom.pdbx_stereo_config 
_chem_comp_atom.pdbx_ordinal 
DG  OP3    O N N 1   
DG  P      P N N 2   
DG  OP1    O N N 3   
DG  OP2    O N N 4   
DG  "O5'"  O N N 5   
DG  "C5'"  C N N 6   
DG  "C4'"  C N R 7   
DG  "O4'"  O N N 8   
DG  "C3'"  C N S 9   
DG  "O3'"  O N N 10  
DG  "C2'"  C N N 11  
DG  "C1'"  C N R 12  
DG  N9     N Y N 13  
DG  C8     C Y N 14  
DG  N7     N Y N 15  
DG  C5     C Y N 16  
DG  C6     C N N 17  
DG  O6     O N N 18  
DG  N1     N N N 19  
DG  C2     C N N 20  
DG  N2     N N N 21  
DG  N3     N N N 22  
DG  C4     C Y N 23  
DG  HOP3   H N N 24  
DG  HOP2   H N N 25  
DG  "H5'"  H N N 26  
DG  "H5''" H N N 27  
DG  "H4'"  H N N 28  
DG  "H3'"  H N N 29  
DG  "HO3'" H N N 30  
DG  "H2'"  H N N 31  
DG  "H2''" H N N 32  
DG  "H1'"  H N N 33  
DG  H8     H N N 34  
DG  H1     H N N 35  
DG  H21    H N N 36  
DG  H22    H N N 37  
DT  OP3    O N N 38  
DT  P      P N N 39  
DT  OP1    O N N 40  
DT  OP2    O N N 41  
DT  "O5'"  O N N 42  
DT  "C5'"  C N N 43  
DT  "C4'"  C N R 44  
DT  "O4'"  O N N 45  
DT  "C3'"  C N S 46  
DT  "O3'"  O N N 47  
DT  "C2'"  C N N 48  
DT  "C1'"  C N R 49  
DT  N1     N N N 50  
DT  C2     C N N 51  
DT  O2     O N N 52  
DT  N3     N N N 53  
DT  C4     C N N 54  
DT  O4     O N N 55  
DT  C5     C N N 56  
DT  C7     C N N 57  
DT  C6     C N N 58  
DT  HOP3   H N N 59  
DT  HOP2   H N N 60  
DT  "H5'"  H N N 61  
DT  "H5''" H N N 62  
DT  "H4'"  H N N 63  
DT  "H3'"  H N N 64  
DT  "HO3'" H N N 65  
DT  "H2'"  H N N 66  
DT  "H2''" H N N 67  
DT  "H1'"  H N N 68  
DT  H3     H N N 69  
DT  H71    H N N 70  
DT  H72    H N N 71  
DT  H73    H N N 72  
DT  H6     H N N 73  
HOH O      O N N 74  
HOH H1     H N N 75  
HOH H2     H N N 76  
K   K      K N N 77  
NCQ O39    O N N 78  
NCQ C9     C N N 79  
NCQ C10    C N N 80  
NCQ C13    C N N 81  
NCQ N16    N N N 82  
NCQ C36    C N N 83  
NCQ C33    C N N 84  
NCQ C30    C N N 85  
NCQ C27    C N N 86  
NCQ C73    C N N 87  
NCQ C11    C N N 88  
NCQ N7     N N N 89  
NCQ C6     C Y N 90  
NCQ C40    C Y N 91  
NCQ C42    C Y N 92  
NCQ C4     C Y N 93  
NCQ C3     C Y N 94  
NCQ N1     N Y N 95  
NCQ C44    C Y N 96  
NCQ C45    C Y N 97  
NCQ C2     C Y N 98  
NCQ C87    C Y N 99  
NCQ C47    C Y N 100 
NCQ C49    C Y N 101 
NCQ C51    C Y N 102 
NCQ C85    C Y N 103 
NCQ N52    N N N 104 
NCQ C54    C N N 105 
NCQ O84    O N N 106 
NCQ C55    C N N 107 
NCQ C58    C N N 108 
NCQ N61    N N N 109 
NCQ C75    C N N 110 
NCQ C72    C N N 111 
NCQ C69    C N N 112 
NCQ C66    C N N 113 
NCQ C29    C N N 114 
NCQ C31    C N N 115 
NCQ H10    H N N 116 
NCQ H10A   H N N 117 
NCQ H13    H N N 118 
NCQ H13A   H N N 119 
NCQ H36    H N N 120 
NCQ H36A   H N N 121 
NCQ H33    H N N 122 
NCQ H33A   H N N 123 
NCQ H30    H N N 124 
NCQ H30A   H N N 125 
NCQ H27    H N N 126 
NCQ H27A   H N N 127 
NCQ H73    H N N 128 
NCQ H73A   H N N 129 
NCQ H11    H N N 130 
NCQ H11A   H N N 131 
NCQ HN7    H N N 132 
NCQ H40    H N N 133 
NCQ H42    H N N 134 
NCQ H4     H N N 135 
NCQ H45    H N N 136 
NCQ H47    H N N 137 
NCQ H49    H N N 138 
NCQ H85    H N N 139 
NCQ HN52   H N N 140 
NCQ H55    H N N 141 
NCQ H55A   H N N 142 
NCQ H58    H N N 143 
NCQ H58A   H N N 144 
NCQ H75    H N N 145 
NCQ H75A   H N N 146 
NCQ H72    H N N 147 
NCQ H72A   H N N 148 
NCQ H69    H N N 149 
NCQ H69A   H N N 150 
NCQ H66    H N N 151 
NCQ H66A   H N N 152 
NCQ H29    H N N 153 
NCQ H29A   H N N 154 
NCQ H31    H N N 155 
NCQ H31A   H N N 156 
# 
loop_
_chem_comp_bond.comp_id 
_chem_comp_bond.atom_id_1 
_chem_comp_bond.atom_id_2 
_chem_comp_bond.value_order 
_chem_comp_bond.pdbx_aromatic_flag 
_chem_comp_bond.pdbx_stereo_config 
_chem_comp_bond.pdbx_ordinal 
DG  OP3   P      sing N N 1   
DG  OP3   HOP3   sing N N 2   
DG  P     OP1    doub N N 3   
DG  P     OP2    sing N N 4   
DG  P     "O5'"  sing N N 5   
DG  OP2   HOP2   sing N N 6   
DG  "O5'" "C5'"  sing N N 7   
DG  "C5'" "C4'"  sing N N 8   
DG  "C5'" "H5'"  sing N N 9   
DG  "C5'" "H5''" sing N N 10  
DG  "C4'" "O4'"  sing N N 11  
DG  "C4'" "C3'"  sing N N 12  
DG  "C4'" "H4'"  sing N N 13  
DG  "O4'" "C1'"  sing N N 14  
DG  "C3'" "O3'"  sing N N 15  
DG  "C3'" "C2'"  sing N N 16  
DG  "C3'" "H3'"  sing N N 17  
DG  "O3'" "HO3'" sing N N 18  
DG  "C2'" "C1'"  sing N N 19  
DG  "C2'" "H2'"  sing N N 20  
DG  "C2'" "H2''" sing N N 21  
DG  "C1'" N9     sing N N 22  
DG  "C1'" "H1'"  sing N N 23  
DG  N9    C8     sing Y N 24  
DG  N9    C4     sing Y N 25  
DG  C8    N7     doub Y N 26  
DG  C8    H8     sing N N 27  
DG  N7    C5     sing Y N 28  
DG  C5    C6     sing N N 29  
DG  C5    C4     doub Y N 30  
DG  C6    O6     doub N N 31  
DG  C6    N1     sing N N 32  
DG  N1    C2     sing N N 33  
DG  N1    H1     sing N N 34  
DG  C2    N2     sing N N 35  
DG  C2    N3     doub N N 36  
DG  N2    H21    sing N N 37  
DG  N2    H22    sing N N 38  
DG  N3    C4     sing N N 39  
DT  OP3   P      sing N N 40  
DT  OP3   HOP3   sing N N 41  
DT  P     OP1    doub N N 42  
DT  P     OP2    sing N N 43  
DT  P     "O5'"  sing N N 44  
DT  OP2   HOP2   sing N N 45  
DT  "O5'" "C5'"  sing N N 46  
DT  "C5'" "C4'"  sing N N 47  
DT  "C5'" "H5'"  sing N N 48  
DT  "C5'" "H5''" sing N N 49  
DT  "C4'" "O4'"  sing N N 50  
DT  "C4'" "C3'"  sing N N 51  
DT  "C4'" "H4'"  sing N N 52  
DT  "O4'" "C1'"  sing N N 53  
DT  "C3'" "O3'"  sing N N 54  
DT  "C3'" "C2'"  sing N N 55  
DT  "C3'" "H3'"  sing N N 56  
DT  "O3'" "HO3'" sing N N 57  
DT  "C2'" "C1'"  sing N N 58  
DT  "C2'" "H2'"  sing N N 59  
DT  "C2'" "H2''" sing N N 60  
DT  "C1'" N1     sing N N 61  
DT  "C1'" "H1'"  sing N N 62  
DT  N1    C2     sing N N 63  
DT  N1    C6     sing N N 64  
DT  C2    O2     doub N N 65  
DT  C2    N3     sing N N 66  
DT  N3    C4     sing N N 67  
DT  N3    H3     sing N N 68  
DT  C4    O4     doub N N 69  
DT  C4    C5     sing N N 70  
DT  C5    C7     sing N N 71  
DT  C5    C6     doub N N 72  
DT  C7    H71    sing N N 73  
DT  C7    H72    sing N N 74  
DT  C7    H73    sing N N 75  
DT  C6    H6     sing N N 76  
HOH O     H1     sing N N 77  
HOH O     H2     sing N N 78  
NCQ O39   C9     doub N N 79  
NCQ N7    C9     sing N N 80  
NCQ C9    C10    sing N N 81  
NCQ C10   C13    sing N N 82  
NCQ C10   H10    sing N N 83  
NCQ C10   H10A   sing N N 84  
NCQ C13   N16    sing N N 85  
NCQ C13   H13    sing N N 86  
NCQ C13   H13A   sing N N 87  
NCQ N16   C36    sing N N 88  
NCQ N16   C11    sing N N 89  
NCQ C36   C33    sing N N 90  
NCQ C36   H36    sing N N 91  
NCQ C36   H36A   sing N N 92  
NCQ C33   C30    sing N N 93  
NCQ C33   H33    sing N N 94  
NCQ C33   H33A   sing N N 95  
NCQ C30   C27    sing N N 96  
NCQ C30   H30    sing N N 97  
NCQ C30   H30A   sing N N 98  
NCQ C73   C27    sing N N 99  
NCQ C27   H27    sing N N 100 
NCQ C27   H27A   sing N N 101 
NCQ C11   C73    sing N N 102 
NCQ C73   H73    sing N N 103 
NCQ C73   H73A   sing N N 104 
NCQ C11   H11    sing N N 105 
NCQ C11   H11A   sing N N 106 
NCQ C6    N7     sing N N 107 
NCQ N7    HN7    sing N N 108 
NCQ C40   C6     doub Y N 109 
NCQ C4    C6     sing Y N 110 
NCQ C42   C40    sing Y N 111 
NCQ C40   H40    sing N N 112 
NCQ C44   C42    doub Y N 113 
NCQ C42   H42    sing N N 114 
NCQ C3    C4     doub Y N 115 
NCQ C4    H4     sing N N 116 
NCQ C44   C3     sing Y N 117 
NCQ N1    C3     sing Y N 118 
NCQ C87   N1     doub Y N 119 
NCQ C45   C44    sing Y N 120 
NCQ C2    C45    doub Y N 121 
NCQ C45   H45    sing N N 122 
NCQ C47   C2     sing Y N 123 
NCQ C2    C87    sing Y N 124 
NCQ C85   C87    sing Y N 125 
NCQ C49   C47    doub Y N 126 
NCQ C47   H47    sing N N 127 
NCQ C49   C51    sing Y N 128 
NCQ C49   H49    sing N N 129 
NCQ N52   C51    sing N N 130 
NCQ C51   C85    doub Y N 131 
NCQ C85   H85    sing N N 132 
NCQ N52   C54    sing N N 133 
NCQ N52   HN52   sing N N 134 
NCQ C55   C54    sing N N 135 
NCQ C54   O84    doub N N 136 
NCQ C55   C58    sing N N 137 
NCQ C55   H55    sing N N 138 
NCQ C55   H55A   sing N N 139 
NCQ N61   C58    sing N N 140 
NCQ C58   H58    sing N N 141 
NCQ C58   H58A   sing N N 142 
NCQ C75   N61    sing N N 143 
NCQ N61   C31    sing N N 144 
NCQ C72   C75    sing N N 145 
NCQ C75   H75    sing N N 146 
NCQ C75   H75A   sing N N 147 
NCQ C72   C69    sing N N 148 
NCQ C72   H72    sing N N 149 
NCQ C72   H72A   sing N N 150 
NCQ C69   C66    sing N N 151 
NCQ C69   H69    sing N N 152 
NCQ C69   H69A   sing N N 153 
NCQ C66   C29    sing N N 154 
NCQ C66   H66    sing N N 155 
NCQ C66   H66A   sing N N 156 
NCQ C31   C29    sing N N 157 
NCQ C29   H29    sing N N 158 
NCQ C29   H29A   sing N N 159 
NCQ C31   H31    sing N N 160 
NCQ C31   H31A   sing N N 161 
# 
_ndb_struct_conf_na.entry_id   3EUM 
_ndb_struct_conf_na.feature    'quadruple helix' 
# 
loop_
_pdbx_entity_nonpoly.entity_id 
_pdbx_entity_nonpoly.name 
_pdbx_entity_nonpoly.comp_id 
2 'POTASSIUM ION'                                K   
3 '3,6-Bis[3-(azepan-1-yl)propionamido]acridine' NCQ 
4 water                                          HOH 
# 
_pdbx_initial_refinement_model.id               1 
_pdbx_initial_refinement_model.entity_id_list   ? 
_pdbx_initial_refinement_model.type             'experimental model' 
_pdbx_initial_refinement_model.source_name      PDB 
_pdbx_initial_refinement_model.accession_code   1L1H 
_pdbx_initial_refinement_model.details          'PDB ID 1L1H' 
# 
